data_4GZU
#
_entry.id   4GZU
#
_cell.length_a   184.394
_cell.length_b   85.248
_cell.length_c   103.451
_cell.angle_alpha   90.000
_cell.angle_beta   118.760
_cell.angle_gamma   90.000
#
_symmetry.space_group_name_H-M   'C 1 2 1'
#
loop_
_entity.id
_entity.type
_entity.pdbx_description
1 polymer 'FERM, RhoGEF and pleckstrin domain-containing protein 2'
2 water water
#
_entity_poly.entity_id   1
_entity_poly.type   'polypeptide(L)'
_entity_poly.pdbx_seq_one_letter_code
;GPHMEDEAYFIAKEILATERTYLKDLEVITVWFRSVLIKEEAMPAALMALLFSNIDPVYEFHRGFLHEVEQRLALWEGPS
SAHLKGDHQRIGDILLRNMRQLKEFTSYFQRHDEVLTELEKATKHCKKLEAVYKEFELQKVCYLPLNTFLLKPVQRLVHY
RLLLSRLCAHYSPGHRDYADCHEALKAITEVTTELQQSLTRLENLQKLTELQRDLVGVENLIAPGREFIREGCLHKLTKK
GLQQRMFFLFSDMLLYTSKSVTGASHFRIRGFLPLRGMLVEESENEWSVLHCFTIYAAQKTIVVAASTRLEKEKWMQDLN
AAIQAAKTIGDSPPVLLGGPVYTRTPRSSDEVSLEESEDGRGNRGSLEGNSQHRANTTMHVCWYRNTSVSRADHSAAVEN
QLSGYLLRKFKNSNGWQKLWVVFTNFCLFFYKTHQDDYPLASLPLLGYSVSLPREADSIHKDYVFKLQFKSHVYFFRAES
KYTFERWMDVIKRASSSPGRP
;
_entity_poly.pdbx_strand_id   A,B
#
# COMPACT_ATOMS: atom_id res chain seq x y z
N MET A 4 52.61 -21.33 0.45
CA MET A 4 53.48 -20.82 1.52
C MET A 4 54.21 -19.56 1.06
N GLU A 5 55.42 -19.75 0.54
CA GLU A 5 56.25 -18.65 0.05
C GLU A 5 55.55 -17.82 -1.04
N ASP A 6 54.65 -18.48 -1.78
CA ASP A 6 53.92 -17.82 -2.84
C ASP A 6 53.00 -16.76 -2.28
N GLU A 7 52.37 -17.08 -1.14
CA GLU A 7 51.40 -16.17 -0.50
C GLU A 7 51.98 -14.80 -0.20
N ALA A 8 53.25 -14.76 0.19
CA ALA A 8 53.93 -13.51 0.51
C ALA A 8 54.23 -12.68 -0.73
N TYR A 9 54.43 -13.35 -1.85
CA TYR A 9 54.71 -12.69 -3.14
C TYR A 9 53.46 -12.03 -3.75
N PHE A 10 52.33 -12.69 -3.62
CA PHE A 10 51.10 -12.15 -4.19
C PHE A 10 50.60 -10.90 -3.44
N ILE A 11 50.99 -10.78 -2.17
CA ILE A 11 50.69 -9.57 -1.41
C ILE A 11 51.50 -8.44 -2.02
N ALA A 12 52.74 -8.74 -2.36
CA ALA A 12 53.63 -7.76 -2.97
C ALA A 12 53.02 -7.25 -4.24
N LYS A 13 52.58 -8.16 -5.11
CA LYS A 13 51.94 -7.78 -6.36
C LYS A 13 50.65 -6.99 -6.10
N GLU A 14 49.97 -7.31 -5.00
CA GLU A 14 48.76 -6.62 -4.63
C GLU A 14 49.04 -5.16 -4.32
N ILE A 15 50.07 -4.92 -3.51
CA ILE A 15 50.54 -3.59 -3.21
C ILE A 15 50.83 -2.83 -4.49
N LEU A 16 51.38 -3.55 -5.48
CA LEU A 16 51.77 -2.94 -6.74
C LEU A 16 50.58 -2.47 -7.57
N ALA A 17 49.71 -3.41 -7.93
CA ALA A 17 48.59 -3.12 -8.83
C ALA A 17 47.75 -1.98 -8.28
N THR A 18 47.46 -2.08 -6.99
CA THR A 18 46.72 -1.04 -6.27
C THR A 18 47.45 0.30 -6.25
N GLU A 19 48.78 0.26 -6.18
CA GLU A 19 49.59 1.48 -6.18
C GLU A 19 49.60 2.07 -7.57
N ARG A 20 49.52 1.18 -8.54
CA ARG A 20 49.43 1.59 -9.92
C ARG A 20 48.15 2.37 -10.13
N THR A 21 47.06 1.87 -9.58
CA THR A 21 45.78 2.54 -9.67
C THR A 21 45.75 3.82 -8.85
N TYR A 22 46.40 3.79 -7.69
CA TYR A 22 46.50 4.98 -6.84
C TYR A 22 47.17 6.14 -7.55
N LEU A 23 48.28 5.85 -8.25
CA LEU A 23 49.01 6.90 -8.95
C LEU A 23 48.20 7.47 -10.10
N LYS A 24 47.38 6.64 -10.73
CA LYS A 24 46.53 7.10 -11.81
C LYS A 24 45.36 7.88 -11.25
N ASP A 25 44.91 7.50 -10.06
CA ASP A 25 43.87 8.23 -9.36
C ASP A 25 44.36 9.65 -9.09
N LEU A 26 45.53 9.75 -8.47
CA LEU A 26 46.12 11.06 -8.20
C LEU A 26 46.31 11.92 -9.46
N GLU A 27 46.57 11.26 -10.58
CA GLU A 27 46.83 11.95 -11.84
C GLU A 27 45.58 12.59 -12.40
N VAL A 28 44.43 12.23 -11.85
CA VAL A 28 43.17 12.83 -12.30
C VAL A 28 43.10 14.29 -11.86
N ILE A 29 43.86 14.60 -10.82
CA ILE A 29 43.88 15.94 -10.25
C ILE A 29 45.15 16.67 -10.64
N THR A 30 46.29 16.05 -10.38
CA THR A 30 47.60 16.67 -10.55
C THR A 30 48.02 16.83 -12.01
N VAL A 31 47.39 16.09 -12.89
CA VAL A 31 47.66 16.21 -14.32
C VAL A 31 46.45 16.81 -15.02
N TRP A 32 45.39 16.02 -15.11
CA TRP A 32 44.20 16.36 -15.87
C TRP A 32 43.36 17.55 -15.37
N PHE A 33 42.99 17.53 -14.09
CA PHE A 33 42.19 18.62 -13.52
C PHE A 33 42.98 19.91 -13.50
N ARG A 34 44.29 19.80 -13.29
CA ARG A 34 45.15 20.96 -13.20
C ARG A 34 45.08 21.79 -14.47
N SER A 35 45.36 21.14 -15.59
CA SER A 35 45.39 21.81 -16.89
C SER A 35 44.10 22.57 -17.17
N VAL A 36 42.97 21.92 -16.92
CA VAL A 36 41.66 22.48 -17.14
C VAL A 36 41.47 23.78 -16.36
N LEU A 37 42.02 23.82 -15.16
CA LEU A 37 41.95 25.00 -14.32
C LEU A 37 42.83 26.12 -14.86
N ILE A 38 43.92 25.73 -15.52
CA ILE A 38 44.88 26.67 -16.09
C ILE A 38 44.36 27.28 -17.39
N LYS A 39 43.86 26.40 -18.25
CA LYS A 39 43.26 26.80 -19.52
C LYS A 39 42.05 27.71 -19.33
N GLU A 40 41.35 27.56 -18.21
CA GLU A 40 40.10 28.27 -17.99
C GLU A 40 40.24 29.37 -16.94
N GLU A 41 41.24 29.21 -16.08
CA GLU A 41 41.53 30.14 -14.98
C GLU A 41 40.30 30.63 -14.22
N ALA A 42 39.42 29.68 -13.91
CA ALA A 42 38.23 29.99 -13.15
C ALA A 42 38.51 29.78 -11.66
N MET A 43 39.66 29.19 -11.39
CA MET A 43 40.06 28.99 -10.00
C MET A 43 41.04 30.05 -9.55
N PRO A 44 40.67 30.77 -8.48
CA PRO A 44 41.50 31.74 -7.77
C PRO A 44 42.77 31.09 -7.27
N ALA A 45 43.91 31.77 -7.42
CA ALA A 45 45.22 31.21 -7.12
C ALA A 45 45.36 30.67 -5.69
N ALA A 46 44.63 31.27 -4.75
CA ALA A 46 44.68 30.85 -3.36
C ALA A 46 44.25 29.39 -3.22
N LEU A 47 43.14 29.07 -3.88
CA LEU A 47 42.61 27.71 -3.88
C LEU A 47 43.49 26.72 -4.67
N MET A 48 44.15 27.21 -5.71
CA MET A 48 45.09 26.39 -6.50
C MET A 48 46.30 25.98 -5.65
N ALA A 49 46.85 26.94 -4.92
CA ALA A 49 47.88 26.65 -3.94
C ALA A 49 47.34 25.63 -2.94
N LEU A 50 46.24 25.97 -2.26
CA LEU A 50 45.68 25.11 -1.23
C LEU A 50 45.42 23.69 -1.73
N LEU A 51 44.96 23.59 -2.98
CA LEU A 51 44.70 22.30 -3.59
C LEU A 51 46.02 21.58 -3.86
N PHE A 52 46.92 22.26 -4.56
CA PHE A 52 48.10 21.61 -5.13
C PHE A 52 49.33 21.63 -4.25
N SER A 53 49.39 22.56 -3.29
CA SER A 53 50.48 22.56 -2.34
C SER A 53 50.37 21.32 -1.47
N ASN A 54 49.17 20.76 -1.43
CA ASN A 54 48.84 19.63 -0.57
C ASN A 54 48.66 18.30 -1.30
N ILE A 55 48.63 18.30 -2.63
CA ILE A 55 48.55 17.04 -3.34
C ILE A 55 49.84 16.72 -4.07
N ASP A 56 50.44 17.75 -4.68
CA ASP A 56 51.73 17.57 -5.37
C ASP A 56 52.80 16.84 -4.56
N PRO A 57 53.09 17.33 -3.34
CA PRO A 57 54.22 16.72 -2.61
C PRO A 57 53.97 15.26 -2.34
N VAL A 58 52.73 14.93 -2.00
CA VAL A 58 52.31 13.55 -1.81
C VAL A 58 52.54 12.75 -3.09
N TYR A 59 52.15 13.33 -4.22
CA TYR A 59 52.27 12.64 -5.49
C TYR A 59 53.72 12.30 -5.83
N GLU A 60 54.64 13.17 -5.44
CA GLU A 60 56.07 12.95 -5.67
C GLU A 60 56.51 11.65 -5.03
N PHE A 61 56.37 11.59 -3.71
CA PHE A 61 56.74 10.42 -2.91
C PHE A 61 56.23 9.12 -3.52
N HIS A 62 54.95 9.11 -3.85
CA HIS A 62 54.31 7.92 -4.35
C HIS A 62 54.91 7.45 -5.68
N ARG A 63 55.22 8.39 -6.57
CA ARG A 63 55.78 8.06 -7.87
C ARG A 63 57.15 7.37 -7.68
N GLY A 64 57.91 7.85 -6.71
CA GLY A 64 59.18 7.23 -6.36
C GLY A 64 58.93 5.86 -5.75
N PHE A 65 57.91 5.79 -4.90
CA PHE A 65 57.59 4.56 -4.20
C PHE A 65 57.17 3.42 -5.14
N LEU A 66 56.33 3.73 -6.12
CA LEU A 66 55.89 2.73 -7.08
C LEU A 66 57.08 2.14 -7.81
N HIS A 67 58.04 3.00 -8.12
CA HIS A 67 59.27 2.59 -8.78
C HIS A 67 59.98 1.54 -7.93
N GLU A 68 60.33 1.91 -6.71
CA GLU A 68 61.06 1.03 -5.80
C GLU A 68 60.38 -0.33 -5.67
N VAL A 69 59.05 -0.31 -5.69
CA VAL A 69 58.26 -1.52 -5.57
C VAL A 69 58.42 -2.40 -6.80
N GLU A 70 57.96 -1.91 -7.95
CA GLU A 70 57.93 -2.71 -9.18
C GLU A 70 59.30 -3.21 -9.61
N GLN A 71 60.36 -2.52 -9.17
CA GLN A 71 61.72 -2.97 -9.40
C GLN A 71 62.01 -4.22 -8.58
N ARG A 72 61.78 -4.12 -7.28
CA ARG A 72 62.00 -5.25 -6.38
C ARG A 72 61.21 -6.44 -6.90
N LEU A 73 59.98 -6.16 -7.33
CA LEU A 73 59.10 -7.18 -7.88
C LEU A 73 59.65 -7.82 -9.15
N ALA A 74 60.60 -7.14 -9.79
CA ALA A 74 61.22 -7.69 -10.97
C ALA A 74 62.42 -8.54 -10.57
N LEU A 75 63.17 -8.07 -9.57
CA LEU A 75 64.32 -8.82 -9.08
C LEU A 75 63.85 -10.08 -8.38
N TRP A 76 62.57 -10.10 -8.02
CA TRP A 76 61.98 -11.24 -7.31
C TRP A 76 61.92 -12.47 -8.22
N GLU A 77 60.88 -12.55 -9.04
CA GLU A 77 60.68 -13.73 -9.90
C GLU A 77 61.57 -13.68 -11.13
N SER A 80 67.25 -13.43 -11.23
CA SER A 80 67.73 -13.39 -9.85
C SER A 80 68.68 -14.55 -9.60
N SER A 81 69.89 -14.25 -9.15
CA SER A 81 70.89 -15.28 -8.90
C SER A 81 70.61 -16.08 -7.62
N ALA A 82 71.49 -17.04 -7.33
CA ALA A 82 71.30 -17.94 -6.19
C ALA A 82 72.10 -17.51 -4.96
N HIS A 83 73.04 -16.59 -5.14
CA HIS A 83 73.83 -16.08 -4.03
C HIS A 83 73.40 -14.66 -3.66
N LEU A 84 72.20 -14.27 -4.10
CA LEU A 84 71.72 -12.91 -3.85
C LEU A 84 70.25 -12.84 -3.46
N LYS A 85 69.49 -13.91 -3.72
CA LYS A 85 68.02 -13.84 -3.65
C LYS A 85 67.33 -14.85 -2.72
N GLY A 86 67.32 -14.59 -1.41
CA GLY A 86 68.04 -13.47 -0.85
C GLY A 86 67.25 -12.19 -0.66
N ASP A 87 67.93 -11.06 -0.81
CA ASP A 87 67.33 -9.75 -0.61
C ASP A 87 66.53 -9.29 -1.83
N HIS A 88 66.21 -10.23 -2.71
CA HIS A 88 65.39 -9.95 -3.89
C HIS A 88 63.96 -10.37 -3.64
N GLN A 89 63.81 -11.35 -2.77
CA GLN A 89 62.50 -11.83 -2.36
C GLN A 89 62.26 -11.35 -0.93
N ARG A 90 61.95 -10.06 -0.83
CA ARG A 90 61.78 -9.35 0.42
C ARG A 90 61.32 -7.94 0.06
N ILE A 91 60.42 -7.37 0.86
CA ILE A 91 59.96 -5.99 0.63
C ILE A 91 59.78 -5.18 1.91
N GLY A 92 59.92 -5.82 3.06
CA GLY A 92 59.78 -5.15 4.34
C GLY A 92 60.73 -3.99 4.51
N ASP A 93 61.88 -4.07 3.83
CA ASP A 93 62.88 -3.01 3.88
C ASP A 93 62.42 -1.75 3.16
N ILE A 94 61.88 -1.93 1.96
CA ILE A 94 61.32 -0.82 1.18
C ILE A 94 60.18 -0.15 1.94
N LEU A 95 59.27 -0.96 2.44
CA LEU A 95 58.14 -0.49 3.21
C LEU A 95 58.55 0.23 4.49
N LEU A 96 59.40 -0.41 5.29
CA LEU A 96 59.85 0.17 6.56
C LEU A 96 60.39 1.58 6.35
N ARG A 97 61.07 1.78 5.23
CA ARG A 97 61.72 3.07 4.95
C ARG A 97 60.67 4.15 4.69
N ASN A 98 59.90 3.94 3.64
CA ASN A 98 58.81 4.83 3.23
C ASN A 98 57.77 5.13 4.33
N MET A 99 57.32 4.10 5.05
CA MET A 99 56.43 4.27 6.20
C MET A 99 56.97 5.34 7.15
N ARG A 100 58.11 5.08 7.78
CA ARG A 100 58.73 6.03 8.70
C ARG A 100 59.06 7.35 8.01
N GLN A 101 58.97 7.37 6.69
CA GLN A 101 59.25 8.56 5.90
C GLN A 101 57.94 9.24 5.52
N LEU A 102 56.87 8.46 5.50
CA LEU A 102 55.56 8.98 5.14
C LEU A 102 55.00 9.86 6.23
N LYS A 103 55.30 9.52 7.48
CA LYS A 103 54.75 10.23 8.64
C LYS A 103 55.02 11.73 8.56
N GLU A 104 55.94 12.11 7.68
CA GLU A 104 56.34 13.50 7.53
C GLU A 104 55.36 14.27 6.62
N PHE A 105 54.38 13.55 6.12
CA PHE A 105 53.40 14.13 5.19
C PHE A 105 52.05 14.32 5.85
N THR A 106 51.94 13.90 7.12
CA THR A 106 50.66 13.93 7.84
C THR A 106 50.04 15.33 7.88
N SER A 107 50.89 16.34 8.04
CA SER A 107 50.46 17.73 8.04
C SER A 107 49.72 18.09 6.76
N TYR A 108 50.20 17.56 5.63
CA TYR A 108 49.54 17.77 4.35
C TYR A 108 48.13 17.18 4.38
N PHE A 109 48.05 15.94 4.83
CA PHE A 109 46.78 15.22 4.87
C PHE A 109 45.70 15.91 5.71
N GLN A 110 46.10 16.49 6.84
CA GLN A 110 45.15 17.13 7.75
C GLN A 110 44.34 18.22 7.07
N ARG A 111 44.84 18.75 5.95
CA ARG A 111 44.16 19.82 5.23
C ARG A 111 43.24 19.35 4.10
N HIS A 112 43.18 18.05 3.85
CA HIS A 112 42.25 17.53 2.83
C HIS A 112 40.78 17.81 3.16
N ASP A 113 40.45 17.79 4.45
CA ASP A 113 39.12 18.19 4.89
C ASP A 113 38.88 19.68 4.58
N GLU A 114 39.97 20.42 4.42
CA GLU A 114 39.91 21.85 4.21
C GLU A 114 39.87 22.16 2.72
N VAL A 115 40.42 21.25 1.92
CA VAL A 115 40.42 21.41 0.48
C VAL A 115 39.06 21.00 -0.10
N LEU A 116 38.54 19.87 0.36
CA LEU A 116 37.21 19.44 -0.07
C LEU A 116 36.19 20.51 0.35
N THR A 117 36.40 21.10 1.51
CA THR A 117 35.58 22.19 2.01
C THR A 117 35.63 23.46 1.15
N GLU A 118 36.83 23.88 0.76
CA GLU A 118 37.00 25.15 0.04
C GLU A 118 36.55 25.08 -1.41
N LEU A 119 36.77 23.93 -2.04
CA LEU A 119 36.31 23.68 -3.39
C LEU A 119 34.82 23.91 -3.47
N GLU A 120 34.10 23.30 -2.53
CA GLU A 120 32.64 23.40 -2.46
C GLU A 120 32.15 24.85 -2.46
N LYS A 121 32.59 25.64 -1.48
CA LYS A 121 32.23 27.05 -1.40
C LYS A 121 32.63 27.82 -2.64
N ALA A 122 33.84 27.57 -3.11
CA ALA A 122 34.30 28.22 -4.33
C ALA A 122 33.40 27.89 -5.50
N THR A 123 32.94 26.64 -5.57
CA THR A 123 32.08 26.19 -6.66
C THR A 123 30.74 26.91 -6.65
N LYS A 124 30.19 27.13 -5.46
CA LYS A 124 28.86 27.72 -5.30
C LYS A 124 28.85 29.23 -5.48
N HIS A 125 29.87 29.90 -4.96
CA HIS A 125 29.98 31.35 -5.04
C HIS A 125 30.54 31.83 -6.39
N CYS A 126 31.43 31.05 -6.97
CA CYS A 126 31.93 31.36 -8.32
C CYS A 126 31.17 30.56 -9.38
N LYS A 127 30.58 31.27 -10.35
CA LYS A 127 29.79 30.62 -11.39
C LYS A 127 30.62 29.98 -12.53
N LYS A 128 31.79 30.54 -12.78
CA LYS A 128 32.64 30.07 -13.87
C LYS A 128 33.32 28.75 -13.52
N LEU A 129 33.73 28.61 -12.27
CA LEU A 129 34.42 27.41 -11.80
C LEU A 129 33.46 26.25 -11.72
N GLU A 130 32.22 26.55 -11.36
CA GLU A 130 31.19 25.53 -11.27
C GLU A 130 30.95 24.92 -12.65
N ALA A 131 31.00 25.75 -13.68
CA ALA A 131 30.83 25.29 -15.05
C ALA A 131 32.00 24.39 -15.44
N VAL A 132 33.20 24.86 -15.14
CA VAL A 132 34.44 24.12 -15.42
C VAL A 132 34.45 22.77 -14.71
N TYR A 133 34.22 22.81 -13.41
CA TYR A 133 34.10 21.62 -12.56
C TYR A 133 33.12 20.65 -13.20
N LYS A 134 31.96 21.16 -13.62
CA LYS A 134 30.91 20.33 -14.20
C LYS A 134 31.38 19.59 -15.44
N GLU A 135 31.90 20.32 -16.41
CA GLU A 135 32.35 19.67 -17.64
C GLU A 135 33.46 18.66 -17.39
N PHE A 136 34.35 18.97 -16.44
CA PHE A 136 35.46 18.07 -16.13
C PHE A 136 35.04 16.73 -15.50
N GLU A 137 33.91 16.73 -14.80
CA GLU A 137 33.42 15.48 -14.22
C GLU A 137 32.75 14.65 -15.29
N LEU A 138 32.58 15.25 -16.47
CA LEU A 138 31.99 14.58 -17.62
C LEU A 138 33.01 13.77 -18.42
N GLN A 139 34.27 14.18 -18.34
CA GLN A 139 35.34 13.55 -19.10
C GLN A 139 35.58 12.09 -18.69
N LYS A 140 36.02 11.27 -19.63
CA LYS A 140 36.20 9.84 -19.39
C LYS A 140 37.27 9.59 -18.33
N VAL A 141 38.11 10.59 -18.11
CA VAL A 141 39.19 10.50 -17.13
C VAL A 141 38.63 10.51 -15.72
N CYS A 142 37.48 11.16 -15.58
CA CYS A 142 36.82 11.30 -14.30
C CYS A 142 35.82 10.13 -14.14
N TYR A 143 36.37 8.94 -13.85
CA TYR A 143 35.53 7.73 -13.79
C TYR A 143 34.75 7.61 -12.47
N LEU A 144 35.24 8.31 -11.44
CA LEU A 144 34.52 8.49 -10.19
C LEU A 144 34.28 9.98 -10.04
N PRO A 145 33.38 10.38 -9.13
CA PRO A 145 33.20 11.80 -8.83
C PRO A 145 34.50 12.44 -8.42
N LEU A 146 34.63 13.73 -8.69
CA LEU A 146 35.90 14.43 -8.51
C LEU A 146 36.30 14.47 -7.03
N ASN A 147 35.31 14.63 -6.16
CA ASN A 147 35.52 14.64 -4.72
C ASN A 147 36.15 13.33 -4.26
N THR A 148 35.63 12.22 -4.76
CA THR A 148 36.11 10.89 -4.42
C THR A 148 37.63 10.76 -4.46
N PHE A 149 38.26 11.52 -5.35
CA PHE A 149 39.70 11.44 -5.51
C PHE A 149 40.45 12.15 -4.40
N LEU A 150 39.93 13.29 -3.94
CA LEU A 150 40.52 14.02 -2.81
C LEU A 150 40.59 13.16 -1.55
N LEU A 151 39.81 12.08 -1.53
CA LEU A 151 39.73 11.16 -0.40
C LEU A 151 40.83 10.11 -0.41
N LYS A 152 41.09 9.56 -1.59
CA LYS A 152 42.01 8.44 -1.80
C LYS A 152 43.41 8.50 -1.16
N PRO A 153 44.03 9.69 -1.13
CA PRO A 153 45.31 9.84 -0.41
C PRO A 153 45.27 9.31 1.04
N VAL A 154 44.35 9.81 1.87
CA VAL A 154 44.25 9.33 3.24
C VAL A 154 43.77 7.90 3.30
N GLN A 155 42.86 7.54 2.40
CA GLN A 155 42.39 6.16 2.32
C GLN A 155 43.50 5.19 1.95
N ARG A 156 44.45 5.64 1.13
CA ARG A 156 45.60 4.82 0.76
C ARG A 156 46.45 4.47 1.98
N LEU A 157 46.65 5.45 2.85
CA LEU A 157 47.34 5.24 4.13
C LEU A 157 46.79 4.03 4.87
N VAL A 158 45.47 3.94 4.93
CA VAL A 158 44.82 2.77 5.50
C VAL A 158 45.26 1.49 4.78
N HIS A 159 45.23 1.51 3.45
CA HIS A 159 45.50 0.31 2.67
C HIS A 159 46.90 -0.25 2.86
N TYR A 160 47.84 0.61 3.24
CA TYR A 160 49.16 0.11 3.62
C TYR A 160 49.04 -0.60 4.95
N ARG A 161 48.42 0.05 5.94
CA ARG A 161 48.16 -0.61 7.22
C ARG A 161 47.48 -1.96 7.02
N LEU A 162 46.44 -2.00 6.19
CA LEU A 162 45.74 -3.25 5.93
C LEU A 162 46.62 -4.32 5.28
N LEU A 163 47.40 -3.93 4.27
CA LEU A 163 48.23 -4.87 3.54
C LEU A 163 49.42 -5.32 4.39
N LEU A 164 50.06 -4.37 5.06
CA LEU A 164 51.17 -4.69 5.96
C LEU A 164 50.72 -5.61 7.08
N SER A 165 49.52 -5.37 7.60
CA SER A 165 48.89 -6.26 8.56
C SER A 165 48.82 -7.66 7.99
N ARG A 166 48.36 -7.75 6.74
CA ARG A 166 48.10 -9.02 6.08
C ARG A 166 49.39 -9.80 5.81
N LEU A 167 50.52 -9.10 5.78
CA LEU A 167 51.84 -9.71 5.56
C LEU A 167 52.35 -10.40 6.82
N CYS A 168 52.16 -9.74 7.96
CA CYS A 168 52.56 -10.30 9.24
C CYS A 168 51.69 -11.50 9.64
N ALA A 169 50.66 -11.77 8.84
CA ALA A 169 49.79 -12.93 9.05
C ALA A 169 50.48 -14.22 8.62
N HIS A 170 50.93 -14.28 7.37
CA HIS A 170 51.64 -15.45 6.87
C HIS A 170 53.14 -15.27 6.97
N TYR A 171 53.58 -14.76 8.11
CA TYR A 171 55.00 -14.60 8.42
C TYR A 171 55.23 -14.98 9.89
N SER A 172 56.40 -15.54 10.15
CA SER A 172 56.75 -16.00 11.49
C SER A 172 58.26 -15.82 11.68
N PRO A 173 58.72 -15.80 12.94
CA PRO A 173 60.15 -15.62 13.21
C PRO A 173 61.05 -16.58 12.42
N GLY A 174 62.04 -16.02 11.73
CA GLY A 174 62.97 -16.82 10.95
C GLY A 174 63.15 -16.22 9.58
N HIS A 175 62.16 -15.43 9.17
CA HIS A 175 62.22 -14.76 7.89
C HIS A 175 62.93 -13.41 8.05
N ARG A 176 63.71 -13.05 7.03
CA ARG A 176 64.43 -11.79 6.99
C ARG A 176 63.46 -10.61 7.04
N ASP A 177 62.31 -10.80 6.40
CA ASP A 177 61.32 -9.75 6.23
C ASP A 177 60.27 -9.74 7.35
N TYR A 178 60.58 -10.40 8.48
CA TYR A 178 59.63 -10.44 9.60
C TYR A 178 59.84 -9.28 10.56
N ALA A 179 61.09 -9.02 10.93
CA ALA A 179 61.41 -7.97 11.88
C ALA A 179 61.10 -6.58 11.31
N ASP A 180 61.26 -6.43 9.99
CA ASP A 180 61.04 -5.14 9.33
C ASP A 180 59.57 -4.78 9.28
N CYS A 181 58.75 -5.75 8.89
CA CYS A 181 57.31 -5.54 8.69
C CYS A 181 56.60 -5.07 9.96
N HIS A 182 56.98 -5.63 11.10
CA HIS A 182 56.38 -5.25 12.37
C HIS A 182 56.75 -3.81 12.72
N GLU A 183 57.99 -3.44 12.40
CA GLU A 183 58.43 -2.06 12.56
C GLU A 183 57.68 -1.16 11.57
N ALA A 184 57.51 -1.65 10.35
CA ALA A 184 56.75 -0.94 9.31
C ALA A 184 55.27 -0.80 9.68
N LEU A 185 54.66 -1.90 10.08
CA LEU A 185 53.25 -1.92 10.48
C LEU A 185 53.00 -0.93 11.60
N LYS A 186 53.81 -1.02 12.65
CA LYS A 186 53.69 -0.10 13.78
C LYS A 186 53.84 1.33 13.32
N ALA A 187 54.67 1.54 12.30
CA ALA A 187 54.90 2.87 11.75
C ALA A 187 53.68 3.42 11.02
N ILE A 188 53.02 2.57 10.22
CA ILE A 188 51.83 3.00 9.49
C ILE A 188 50.59 3.04 10.37
N THR A 189 50.55 2.17 11.38
CA THR A 189 49.39 2.12 12.28
C THR A 189 49.27 3.41 13.06
N GLU A 190 50.40 3.99 13.43
CA GLU A 190 50.38 5.25 14.16
C GLU A 190 50.23 6.45 13.22
N VAL A 191 50.50 6.24 11.94
CA VAL A 191 50.24 7.26 10.92
C VAL A 191 48.73 7.41 10.70
N THR A 192 48.05 6.28 10.53
CA THR A 192 46.60 6.28 10.34
C THR A 192 45.86 6.73 11.60
N THR A 193 46.36 6.29 12.76
CA THR A 193 45.83 6.71 14.06
C THR A 193 45.69 8.22 14.17
N GLU A 194 46.77 8.93 13.86
CA GLU A 194 46.80 10.39 13.95
C GLU A 194 45.72 11.04 13.08
N LEU A 195 45.44 10.43 11.93
CA LEU A 195 44.47 10.96 10.98
C LEU A 195 43.14 10.20 10.97
N GLN A 196 42.92 9.33 11.95
CA GLN A 196 41.70 8.53 11.96
C GLN A 196 40.50 9.44 12.12
N GLN A 197 40.67 10.47 12.93
CA GLN A 197 39.61 11.44 13.15
C GLN A 197 39.39 12.22 11.86
N SER A 198 40.49 12.78 11.34
CA SER A 198 40.46 13.50 10.05
C SER A 198 39.87 12.68 8.92
N LEU A 199 40.11 11.38 8.95
CA LEU A 199 39.62 10.49 7.90
C LEU A 199 38.11 10.42 7.91
N THR A 200 37.56 10.10 9.08
CA THR A 200 36.12 9.91 9.18
C THR A 200 35.41 11.23 8.90
N ARG A 201 36.01 12.31 9.38
CA ARG A 201 35.45 13.62 9.14
C ARG A 201 35.39 13.92 7.66
N LEU A 202 36.40 13.48 6.93
CA LEU A 202 36.48 13.69 5.50
C LEU A 202 35.50 12.79 4.75
N GLU A 203 35.53 11.50 5.07
CA GLU A 203 34.68 10.50 4.40
C GLU A 203 33.23 10.93 4.46
N ASN A 204 32.84 11.54 5.58
CA ASN A 204 31.47 12.01 5.77
C ASN A 204 31.16 13.31 5.03
N LEU A 205 32.01 14.31 5.20
CA LEU A 205 31.93 15.56 4.44
C LEU A 205 31.81 15.30 2.95
N GLN A 206 32.53 14.28 2.50
CA GLN A 206 32.52 13.93 1.10
C GLN A 206 31.14 13.46 0.68
N LYS A 207 30.54 12.58 1.47
CA LYS A 207 29.23 12.01 1.13
C LYS A 207 28.12 13.05 1.16
N LEU A 208 28.20 13.96 2.13
CA LEU A 208 27.24 15.05 2.26
C LEU A 208 27.43 16.07 1.13
N THR A 209 28.68 16.27 0.74
CA THR A 209 28.99 17.25 -0.29
C THR A 209 28.58 16.75 -1.67
N GLU A 210 28.56 15.43 -1.84
CA GLU A 210 28.11 14.78 -3.07
C GLU A 210 26.58 14.86 -3.18
N LEU A 211 25.91 14.25 -2.20
CA LEU A 211 24.45 14.30 -2.10
C LEU A 211 23.89 15.71 -2.30
N GLN A 212 24.54 16.69 -1.69
CA GLN A 212 24.16 18.09 -1.83
C GLN A 212 23.98 18.51 -3.29
N ARG A 213 24.84 17.95 -4.15
CA ARG A 213 24.83 18.22 -5.59
C ARG A 213 23.76 17.38 -6.30
N ASP A 214 23.91 16.06 -6.20
CA ASP A 214 22.98 15.09 -6.78
C ASP A 214 21.52 15.46 -6.63
N LEU A 215 21.09 15.72 -5.39
CA LEU A 215 19.69 15.97 -5.09
C LEU A 215 19.28 17.38 -5.48
N VAL A 216 18.08 17.51 -6.02
CA VAL A 216 17.57 18.79 -6.49
C VAL A 216 16.59 19.37 -5.48
N GLY A 217 16.62 20.68 -5.32
CA GLY A 217 15.74 21.33 -4.36
C GLY A 217 16.38 21.57 -3.01
N VAL A 218 16.94 20.51 -2.41
CA VAL A 218 17.52 20.62 -1.07
C VAL A 218 18.72 21.56 -1.04
N GLU A 219 18.77 22.40 0.00
CA GLU A 219 19.91 23.29 0.25
C GLU A 219 20.37 23.17 1.72
N ASN A 220 21.60 23.61 2.00
CA ASN A 220 22.19 23.56 3.34
C ASN A 220 22.32 22.18 3.99
N LEU A 221 22.24 21.14 3.17
CA LEU A 221 22.36 19.78 3.61
C LEU A 221 23.68 19.51 4.32
N ILE A 222 24.76 20.13 3.87
CA ILE A 222 26.04 19.90 4.52
C ILE A 222 26.11 20.68 5.82
N ALA A 223 26.39 19.99 6.91
CA ALA A 223 26.51 20.65 8.21
C ALA A 223 27.49 19.90 9.10
N PRO A 224 28.07 20.61 10.10
CA PRO A 224 29.05 19.96 10.97
C PRO A 224 28.50 18.75 11.73
N GLY A 225 27.18 18.61 11.75
CA GLY A 225 26.56 17.55 12.54
C GLY A 225 26.09 16.35 11.75
N ARG A 226 25.16 16.59 10.81
CA ARG A 226 24.56 15.54 9.97
C ARG A 226 25.59 14.48 9.55
N GLU A 227 25.39 13.26 10.02
CA GLU A 227 26.17 12.14 9.52
C GLU A 227 25.22 11.37 8.63
N PHE A 228 25.75 10.57 7.73
CA PHE A 228 24.93 9.83 6.78
C PHE A 228 24.73 8.42 7.31
N ILE A 229 23.49 7.98 7.41
CA ILE A 229 23.24 6.65 7.92
C ILE A 229 23.08 5.71 6.73
N ARG A 230 22.03 5.92 5.94
CA ARG A 230 21.86 5.14 4.70
C ARG A 230 20.99 5.81 3.65
N GLU A 231 21.26 5.46 2.41
CA GLU A 231 20.49 5.95 1.29
C GLU A 231 19.98 4.72 0.56
N GLY A 232 18.81 4.83 -0.04
CA GLY A 232 18.30 3.71 -0.79
C GLY A 232 16.87 3.92 -1.22
N CYS A 233 16.38 2.95 -1.98
CA CYS A 233 15.07 3.03 -2.63
C CYS A 233 13.99 2.12 -1.96
N LEU A 234 12.79 2.70 -1.80
CA LEU A 234 11.65 2.02 -1.17
C LEU A 234 10.37 2.48 -1.85
N HIS A 235 9.30 1.68 -1.70
CA HIS A 235 8.01 2.02 -2.30
C HIS A 235 7.04 2.71 -1.33
N LYS A 236 6.86 4.01 -1.52
CA LYS A 236 5.95 4.80 -0.73
C LYS A 236 4.52 4.45 -1.08
N LEU A 237 3.65 4.40 -0.08
CA LEU A 237 2.25 4.09 -0.30
C LEU A 237 1.47 5.34 -0.69
N THR A 238 0.82 5.30 -1.85
CA THR A 238 0.06 6.43 -2.33
C THR A 238 -1.36 6.02 -2.70
N LYS A 239 -2.19 7.00 -3.05
CA LYS A 239 -3.58 6.74 -3.41
C LYS A 239 -3.69 6.00 -4.74
N LYS A 240 -2.61 6.03 -5.51
CA LYS A 240 -2.57 5.38 -6.82
C LYS A 240 -1.91 4.01 -6.68
N GLY A 241 -1.12 3.85 -5.61
CA GLY A 241 -0.54 2.56 -5.28
C GLY A 241 0.87 2.63 -4.71
N LEU A 242 1.52 1.48 -4.64
CA LEU A 242 2.91 1.44 -4.25
C LEU A 242 3.75 2.07 -5.35
N GLN A 243 4.48 3.12 -4.99
CA GLN A 243 5.33 3.85 -5.93
C GLN A 243 6.75 3.93 -5.41
N GLN A 244 7.68 3.61 -6.29
CA GLN A 244 9.11 3.69 -5.99
C GLN A 244 9.56 5.13 -5.67
N ARG A 245 10.32 5.30 -4.59
CA ARG A 245 10.83 6.62 -4.19
C ARG A 245 12.24 6.50 -3.61
N MET A 246 12.90 7.62 -3.38
CA MET A 246 14.24 7.55 -2.79
C MET A 246 14.31 8.08 -1.37
N PHE A 247 14.96 7.31 -0.50
CA PHE A 247 15.13 7.70 0.89
C PHE A 247 16.60 7.85 1.28
N PHE A 248 16.89 8.96 1.95
CA PHE A 248 18.23 9.26 2.45
C PHE A 248 18.13 9.56 3.94
N LEU A 249 18.61 8.61 4.74
CA LEU A 249 18.58 8.74 6.18
C LEU A 249 19.88 9.34 6.69
N PHE A 250 19.77 10.55 7.25
CA PHE A 250 20.87 11.19 7.96
C PHE A 250 20.60 11.11 9.45
N SER A 251 21.60 11.47 10.25
CA SER A 251 21.53 11.39 11.70
C SER A 251 20.37 12.18 12.34
N ASP A 252 19.89 13.21 11.65
CA ASP A 252 18.87 14.10 12.24
C ASP A 252 17.56 14.26 11.44
N MET A 253 17.46 13.65 10.27
CA MET A 253 16.24 13.75 9.48
C MET A 253 16.13 12.59 8.49
N LEU A 254 15.00 12.51 7.81
CA LEU A 254 14.80 11.50 6.77
C LEU A 254 14.37 12.17 5.48
N LEU A 255 15.25 12.21 4.49
CA LEU A 255 14.96 12.83 3.20
C LEU A 255 14.26 11.86 2.28
N TYR A 256 13.25 12.32 1.57
CA TYR A 256 12.59 11.43 0.63
C TYR A 256 12.22 12.18 -0.64
N THR A 257 12.14 11.40 -1.70
CA THR A 257 12.05 11.91 -3.05
C THR A 257 10.61 12.17 -3.49
N SER A 258 10.40 13.21 -4.31
CA SER A 258 9.05 13.55 -4.76
C SER A 258 8.47 12.69 -5.89
N LYS A 259 7.26 13.05 -6.32
CA LYS A 259 6.53 12.29 -7.34
C LYS A 259 7.24 12.34 -8.67
N SER A 260 7.45 11.18 -9.28
CA SER A 260 8.14 11.11 -10.58
C SER A 260 7.31 11.66 -11.76
N VAL A 261 7.83 12.73 -12.38
CA VAL A 261 7.21 13.38 -13.53
C VAL A 261 7.93 12.94 -14.80
N THR A 262 7.25 13.05 -15.95
CA THR A 262 7.83 12.65 -17.23
C THR A 262 8.92 13.60 -17.72
N GLY A 263 10.17 13.15 -17.65
CA GLY A 263 11.30 13.93 -18.12
C GLY A 263 12.02 14.70 -17.04
N ALA A 264 11.55 14.59 -15.81
CA ALA A 264 12.17 15.30 -14.68
C ALA A 264 12.99 14.33 -13.85
N SER A 265 13.68 14.87 -12.86
CA SER A 265 14.61 14.07 -12.06
C SER A 265 13.90 13.19 -11.04
N HIS A 266 14.43 11.99 -10.85
CA HIS A 266 13.91 11.09 -9.84
C HIS A 266 14.49 11.42 -8.49
N PHE A 267 15.28 12.48 -8.41
CA PHE A 267 15.99 12.78 -7.16
C PHE A 267 15.78 14.19 -6.68
N ARG A 268 14.55 14.67 -6.89
CA ARG A 268 14.08 15.90 -6.28
C ARG A 268 13.53 15.60 -4.91
N ILE A 269 14.14 16.22 -3.89
CA ILE A 269 13.70 16.03 -2.51
C ILE A 269 12.34 16.68 -2.28
N ARG A 270 11.43 15.89 -1.71
CA ARG A 270 10.06 16.31 -1.44
C ARG A 270 9.89 16.98 -0.06
N GLY A 271 10.43 16.34 0.97
CA GLY A 271 10.48 16.93 2.29
C GLY A 271 11.35 16.10 3.20
N PHE A 272 11.71 16.65 4.36
CA PHE A 272 12.40 15.84 5.35
C PHE A 272 11.47 15.59 6.52
N LEU A 273 11.74 14.52 7.26
CA LEU A 273 11.00 14.15 8.45
C LEU A 273 12.00 14.07 9.57
N PRO A 274 12.01 15.07 10.45
CA PRO A 274 12.91 15.10 11.61
C PRO A 274 12.85 13.81 12.42
N LEU A 275 13.90 13.51 13.18
CA LEU A 275 13.92 12.28 13.98
C LEU A 275 13.33 12.46 15.38
N ARG A 276 13.09 13.73 15.73
CA ARG A 276 12.42 14.10 16.97
C ARG A 276 10.99 14.46 16.59
N GLY A 277 10.03 13.66 17.04
CA GLY A 277 10.26 12.42 17.77
C GLY A 277 9.31 11.42 17.13
N MET A 278 9.87 10.59 16.27
CA MET A 278 9.07 9.65 15.49
C MET A 278 9.16 8.24 16.03
N LEU A 279 8.26 7.40 15.54
CA LEU A 279 8.23 6.00 15.87
C LEU A 279 8.08 5.26 14.57
N VAL A 280 8.74 4.13 14.43
CA VAL A 280 8.47 3.24 13.31
C VAL A 280 7.83 1.94 13.82
N GLU A 281 6.77 1.52 13.14
CA GLU A 281 6.01 0.36 13.56
C GLU A 281 5.79 -0.56 12.36
N GLU A 282 6.22 -1.81 12.52
CA GLU A 282 6.07 -2.81 11.49
C GLU A 282 4.62 -3.23 11.31
N SER A 283 4.16 -3.29 10.05
CA SER A 283 2.78 -3.66 9.75
C SER A 283 2.49 -5.12 10.06
N ASN A 285 -0.52 -6.75 10.22
CA ASN A 285 -1.57 -7.14 9.29
C ASN A 285 -1.01 -8.05 8.19
N GLU A 286 -1.83 -8.34 7.19
CA GLU A 286 -1.40 -9.07 6.00
C GLU A 286 -0.53 -8.19 5.10
N TRP A 287 -0.05 -7.07 5.64
CA TRP A 287 0.92 -6.23 4.96
C TRP A 287 2.31 -6.81 5.19
N SER A 288 2.36 -7.89 5.97
CA SER A 288 3.63 -8.54 6.30
C SER A 288 4.34 -9.07 5.06
N VAL A 289 3.55 -9.65 4.15
CA VAL A 289 4.08 -10.17 2.89
C VAL A 289 4.60 -9.04 2.00
N LEU A 290 4.04 -7.86 2.17
CA LEU A 290 4.43 -6.70 1.36
C LEU A 290 5.68 -6.03 1.92
N HIS A 291 6.12 -6.51 3.08
CA HIS A 291 7.33 -6.02 3.74
C HIS A 291 7.26 -4.56 4.06
N CYS A 292 6.08 -4.05 4.40
CA CYS A 292 5.97 -2.63 4.73
C CYS A 292 5.95 -2.34 6.22
N PHE A 293 6.36 -1.12 6.54
CA PHE A 293 6.36 -0.59 7.88
C PHE A 293 5.81 0.84 7.82
N THR A 294 5.58 1.47 8.96
CA THR A 294 4.96 2.78 8.97
C THR A 294 5.75 3.80 9.75
N ILE A 295 5.94 4.96 9.15
CA ILE A 295 6.76 5.99 9.77
C ILE A 295 5.89 7.15 10.27
N TYR A 296 5.57 7.11 11.56
CA TYR A 296 4.84 8.21 12.17
C TYR A 296 5.83 9.29 12.57
N ALA A 297 5.85 10.40 11.85
CA ALA A 297 6.72 11.50 12.20
C ALA A 297 5.94 12.47 13.06
N ALA A 298 6.64 13.48 13.57
CA ALA A 298 6.05 14.46 14.46
C ALA A 298 4.78 15.11 13.91
N GLN A 299 4.59 15.10 12.60
CA GLN A 299 3.36 15.64 12.00
C GLN A 299 3.11 15.22 10.55
N LYS A 300 3.63 14.06 10.19
CA LYS A 300 3.32 13.44 8.90
C LYS A 300 3.52 11.97 9.13
N THR A 301 2.81 11.15 8.38
CA THR A 301 2.88 9.72 8.60
C THR A 301 2.97 8.99 7.27
N ILE A 302 3.97 8.12 7.12
CA ILE A 302 4.01 7.30 5.91
C ILE A 302 4.18 5.79 6.11
N VAL A 303 3.56 5.04 5.21
CA VAL A 303 3.74 3.62 5.12
C VAL A 303 4.61 3.40 3.91
N VAL A 304 5.42 2.34 3.92
CA VAL A 304 6.42 2.16 2.89
C VAL A 304 6.92 0.71 2.82
N ALA A 305 6.99 0.16 1.61
CA ALA A 305 7.33 -1.24 1.38
C ALA A 305 8.78 -1.44 0.97
N ALA A 306 9.44 -2.45 1.52
CA ALA A 306 10.82 -2.75 1.16
C ALA A 306 10.80 -3.81 0.10
N SER A 307 11.85 -3.84 -0.72
CA SER A 307 11.92 -4.78 -1.83
C SER A 307 11.88 -6.21 -1.32
N THR A 308 12.52 -6.43 -0.17
CA THR A 308 12.57 -7.75 0.44
C THR A 308 12.43 -7.61 1.94
N ARG A 309 12.46 -8.75 2.63
CA ARG A 309 12.29 -8.77 4.08
C ARG A 309 13.50 -8.25 4.84
N LEU A 310 14.68 -8.63 4.38
CA LEU A 310 15.90 -8.21 5.05
C LEU A 310 16.07 -6.72 4.84
N GLU A 311 15.74 -6.25 3.65
CA GLU A 311 15.81 -4.85 3.29
C GLU A 311 14.97 -4.01 4.25
N LYS A 312 13.81 -4.54 4.63
CA LYS A 312 12.95 -3.90 5.61
C LYS A 312 13.60 -3.83 6.99
N GLU A 313 14.07 -4.98 7.46
CA GLU A 313 14.68 -5.07 8.77
C GLU A 313 15.88 -4.13 8.88
N LYS A 314 16.57 -3.91 7.75
CA LYS A 314 17.73 -3.02 7.71
C LYS A 314 17.31 -1.57 7.89
N TRP A 315 16.33 -1.16 7.08
CA TRP A 315 15.82 0.21 7.11
C TRP A 315 15.19 0.53 8.44
N MET A 316 14.62 -0.47 9.09
CA MET A 316 13.96 -0.26 10.38
C MET A 316 14.97 -0.17 11.50
N GLN A 317 15.78 -1.22 11.64
CA GLN A 317 16.83 -1.26 12.65
C GLN A 317 17.67 0.00 12.62
N ASP A 318 17.95 0.49 11.41
CA ASP A 318 18.73 1.72 11.20
C ASP A 318 17.95 2.99 11.54
N LEU A 319 16.64 2.99 11.27
CA LEU A 319 15.81 4.10 11.68
C LEU A 319 15.74 4.17 13.20
N ASN A 320 15.18 3.14 13.81
CA ASN A 320 15.03 3.08 15.27
C ASN A 320 16.30 3.44 16.05
N ALA A 321 17.41 2.80 15.71
CA ALA A 321 18.65 3.06 16.43
C ALA A 321 19.12 4.50 16.21
N ALA A 322 18.69 5.10 15.10
CA ALA A 322 19.07 6.47 14.78
C ALA A 322 18.18 7.50 15.49
N ILE A 323 16.90 7.16 15.68
CA ILE A 323 15.96 8.03 16.37
C ILE A 323 16.32 8.19 17.85
N GLN A 324 16.75 7.10 18.46
CA GLN A 324 17.20 7.17 19.83
C GLN A 324 18.45 8.01 19.95
N ALA A 325 19.41 7.76 19.06
CA ALA A 325 20.69 8.44 19.11
C ALA A 325 20.54 9.96 18.94
N ALA A 326 19.44 10.39 18.34
CA ALA A 326 19.11 11.80 18.32
C ALA A 326 18.08 12.10 19.41
N LYS A 327 18.56 12.28 20.64
CA LYS A 327 17.69 12.57 21.78
C LYS A 327 18.16 13.78 22.59
N PRO A 333 22.87 26.31 10.05
CA PRO A 333 21.91 26.73 9.02
C PRO A 333 20.87 25.66 8.67
N PRO A 334 19.60 26.08 8.60
CA PRO A 334 18.46 25.20 8.37
C PRO A 334 18.42 24.61 6.97
N VAL A 335 18.26 23.30 6.89
CA VAL A 335 17.90 22.62 5.65
C VAL A 335 16.64 23.26 5.04
N LEU A 336 16.70 23.68 3.79
CA LEU A 336 15.57 24.38 3.17
C LEU A 336 15.16 23.73 1.86
N LEU A 337 13.87 23.81 1.49
CA LEU A 337 13.42 23.29 0.20
C LEU A 337 12.65 24.32 -0.63
N ASN A 376 25.67 7.05 -13.74
CA ASN A 376 25.41 5.79 -13.06
C ASN A 376 26.31 5.56 -11.82
N THR A 377 26.02 6.33 -10.76
CA THR A 377 26.71 6.21 -9.48
C THR A 377 26.00 5.22 -8.57
N THR A 378 26.24 5.29 -7.25
CA THR A 378 25.58 4.37 -6.34
C THR A 378 24.09 4.67 -6.19
N MET A 379 23.77 5.94 -5.96
CA MET A 379 22.37 6.37 -5.83
C MET A 379 21.53 5.89 -7.00
N HIS A 380 22.15 5.83 -8.17
CA HIS A 380 21.44 5.40 -9.37
C HIS A 380 21.28 3.88 -9.44
N VAL A 381 22.31 3.15 -9.01
CA VAL A 381 22.23 1.68 -8.96
C VAL A 381 21.19 1.20 -7.95
N CYS A 382 20.91 2.02 -6.93
CA CYS A 382 19.87 1.71 -5.96
C CYS A 382 18.47 1.88 -6.54
N TRP A 383 18.30 2.90 -7.38
CA TRP A 383 17.02 3.16 -8.03
C TRP A 383 16.67 2.05 -9.01
N TYR A 384 17.69 1.44 -9.61
CA TYR A 384 17.45 0.46 -10.66
C TYR A 384 17.44 -0.97 -10.15
N ARG A 385 17.72 -1.14 -8.86
CA ARG A 385 17.79 -2.48 -8.30
C ARG A 385 17.04 -2.61 -6.98
N ASN A 386 16.35 -1.53 -6.61
CA ASN A 386 15.57 -1.47 -5.38
C ASN A 386 16.35 -1.91 -4.17
N THR A 387 17.46 -1.24 -3.90
CA THR A 387 18.24 -1.60 -2.75
C THR A 387 18.70 -0.35 -2.03
N SER A 388 19.56 -0.54 -1.03
CA SER A 388 20.07 0.58 -0.28
C SER A 388 21.56 0.36 0.02
N VAL A 389 22.23 1.40 0.45
CA VAL A 389 23.63 1.32 0.85
C VAL A 389 23.79 2.11 2.13
N SER A 390 24.43 1.50 3.12
CA SER A 390 24.67 2.17 4.40
C SER A 390 26.05 2.78 4.49
N ARG A 391 26.23 3.65 5.48
CA ARG A 391 27.53 4.20 5.81
C ARG A 391 28.51 3.06 6.11
N ALA A 392 28.00 1.96 6.64
CA ALA A 392 28.82 0.78 6.90
C ALA A 392 29.31 0.08 5.62
N ASP A 393 28.52 0.16 4.56
CA ASP A 393 28.84 -0.49 3.29
C ASP A 393 29.99 0.22 2.57
N HIS A 394 29.97 1.55 2.64
CA HIS A 394 31.02 2.33 2.04
C HIS A 394 32.37 1.90 2.61
N SER A 395 32.48 1.92 3.92
CA SER A 395 33.71 1.50 4.59
C SER A 395 34.05 0.03 4.35
N ALA A 396 33.26 -0.65 3.54
CA ALA A 396 33.46 -2.07 3.28
C ALA A 396 33.70 -2.28 1.80
N ALA A 397 33.49 -1.23 1.03
CA ALA A 397 33.82 -1.26 -0.38
C ALA A 397 35.14 -0.54 -0.57
N VAL A 398 35.47 0.30 0.39
CA VAL A 398 36.73 1.03 0.40
C VAL A 398 37.87 0.15 0.92
N GLU A 399 37.64 -0.53 2.04
CA GLU A 399 38.63 -1.45 2.58
C GLU A 399 38.80 -2.67 1.68
N ASN A 400 37.90 -2.81 0.71
CA ASN A 400 37.94 -3.94 -0.20
C ASN A 400 38.32 -3.56 -1.63
N GLN A 401 38.91 -2.39 -1.80
CA GLN A 401 39.42 -1.97 -3.10
C GLN A 401 40.52 -2.91 -3.59
N LEU A 402 40.63 -3.06 -4.90
CA LEU A 402 41.52 -4.04 -5.48
C LEU A 402 41.66 -3.81 -6.98
N SER A 403 42.91 -3.86 -7.47
CA SER A 403 43.19 -3.82 -8.91
C SER A 403 43.88 -5.09 -9.35
N GLY A 404 43.71 -5.44 -10.62
CA GLY A 404 44.40 -6.57 -11.19
C GLY A 404 44.07 -6.89 -12.63
N TYR A 405 44.79 -7.85 -13.17
CA TYR A 405 44.54 -8.35 -14.50
C TYR A 405 43.73 -9.62 -14.38
N LEU A 406 42.72 -9.75 -15.23
CA LEU A 406 41.98 -11.01 -15.35
C LEU A 406 41.25 -11.08 -16.70
N LEU A 407 40.81 -12.28 -17.08
CA LEU A 407 40.16 -12.49 -18.37
C LEU A 407 38.64 -12.58 -18.25
N ARG A 408 37.93 -12.40 -19.36
CA ARG A 408 36.47 -12.33 -19.35
C ARG A 408 35.85 -13.02 -20.57
N LYS A 409 35.31 -14.23 -20.36
CA LYS A 409 34.84 -15.08 -21.46
C LYS A 409 33.72 -14.49 -22.31
N ASN A 414 32.40 -12.70 -25.36
CA ASN A 414 32.51 -13.88 -26.20
C ASN A 414 33.98 -14.17 -26.57
N GLY A 415 34.48 -15.29 -26.08
CA GLY A 415 35.90 -15.63 -26.20
C GLY A 415 36.68 -14.94 -25.09
N TRP A 416 37.51 -15.70 -24.38
CA TRP A 416 38.29 -15.17 -23.25
C TRP A 416 39.08 -13.90 -23.58
N GLN A 417 38.76 -12.81 -22.88
CA GLN A 417 39.31 -11.50 -23.18
C GLN A 417 40.07 -10.91 -21.98
N LYS A 418 41.38 -10.73 -22.12
CA LYS A 418 42.19 -10.18 -21.03
C LYS A 418 41.98 -8.69 -20.85
N LEU A 419 41.53 -8.31 -19.65
CA LEU A 419 41.43 -6.90 -19.26
C LEU A 419 42.05 -6.66 -17.89
N TRP A 420 42.41 -5.40 -17.64
CA TRP A 420 42.90 -4.95 -16.35
C TRP A 420 41.75 -4.29 -15.64
N VAL A 421 41.36 -4.88 -14.52
CA VAL A 421 40.14 -4.49 -13.81
C VAL A 421 40.41 -3.73 -12.51
N VAL A 422 39.59 -2.71 -12.23
CA VAL A 422 39.70 -2.00 -10.97
C VAL A 422 38.38 -2.09 -10.21
N PHE A 423 38.46 -2.44 -8.94
CA PHE A 423 37.28 -2.54 -8.07
C PHE A 423 37.32 -1.48 -6.98
N THR A 424 36.61 -0.38 -7.22
CA THR A 424 36.34 0.62 -6.18
C THR A 424 34.90 1.02 -6.32
N ASN A 425 34.30 1.46 -5.22
CA ASN A 425 32.91 1.95 -5.21
C ASN A 425 31.87 0.97 -5.74
N PHE A 426 31.97 -0.30 -5.33
CA PHE A 426 31.01 -1.34 -5.69
C PHE A 426 30.93 -1.59 -7.20
N CYS A 427 31.96 -1.17 -7.91
CA CYS A 427 31.93 -1.18 -9.35
C CYS A 427 33.24 -1.70 -9.92
N LEU A 428 33.14 -2.52 -10.97
CA LEU A 428 34.30 -2.98 -11.70
C LEU A 428 34.55 -2.06 -12.88
N PHE A 429 35.79 -1.61 -13.03
CA PHE A 429 36.18 -0.77 -14.17
C PHE A 429 37.14 -1.53 -15.08
N PHE A 430 36.89 -1.44 -16.39
CA PHE A 430 37.63 -2.24 -17.34
C PHE A 430 38.60 -1.43 -18.19
N TYR A 431 39.86 -1.85 -18.18
CA TYR A 431 40.89 -1.27 -19.03
C TYR A 431 41.51 -2.37 -19.88
N LYS A 432 42.07 -1.99 -21.02
CA LYS A 432 42.77 -2.94 -21.88
C LYS A 432 44.24 -3.05 -21.46
N THR A 433 44.77 -1.96 -20.90
CA THR A 433 46.16 -1.91 -20.48
C THR A 433 46.23 -1.36 -19.07
N HIS A 434 47.22 -1.78 -18.31
CA HIS A 434 47.47 -1.20 -16.99
C HIS A 434 47.79 0.30 -17.08
N GLN A 435 47.87 0.82 -18.30
CA GLN A 435 48.38 2.18 -18.52
C GLN A 435 47.42 3.19 -19.16
N ASP A 436 46.26 2.73 -19.62
CA ASP A 436 45.24 3.64 -20.16
C ASP A 436 44.86 4.71 -19.14
N ASP A 437 44.24 5.80 -19.60
CA ASP A 437 43.82 6.87 -18.70
C ASP A 437 42.29 7.04 -18.58
N TYR A 438 41.56 6.01 -18.99
CA TYR A 438 40.11 6.05 -18.99
C TYR A 438 39.65 4.60 -19.10
N PRO A 439 38.56 4.26 -18.42
CA PRO A 439 38.03 2.91 -18.47
C PRO A 439 37.25 2.65 -19.76
N LEU A 440 37.42 1.46 -20.32
CA LEU A 440 36.75 1.08 -21.56
C LEU A 440 35.29 0.75 -21.29
N ALA A 441 35.05 0.15 -20.12
CA ALA A 441 33.73 -0.33 -19.72
C ALA A 441 33.58 -0.28 -18.22
N SER A 442 32.35 -0.42 -17.73
CA SER A 442 32.11 -0.50 -16.29
C SER A 442 31.00 -1.49 -15.95
N LEU A 443 31.03 -2.00 -14.71
CA LEU A 443 29.98 -2.89 -14.24
C LEU A 443 29.79 -2.80 -12.73
N PRO A 444 28.72 -2.12 -12.28
CA PRO A 444 28.35 -2.00 -10.86
C PRO A 444 27.88 -3.35 -10.32
N LEU A 445 28.14 -3.60 -9.05
CA LEU A 445 27.97 -4.95 -8.53
C LEU A 445 26.94 -5.17 -7.40
N LEU A 446 26.14 -4.15 -7.10
CA LEU A 446 25.10 -4.29 -6.06
C LEU A 446 24.08 -5.32 -6.48
N GLY A 447 24.03 -6.42 -5.73
CA GLY A 447 23.09 -7.48 -6.03
C GLY A 447 23.72 -8.53 -6.93
N TYR A 448 25.03 -8.53 -7.00
CA TYR A 448 25.75 -9.56 -7.75
C TYR A 448 26.32 -10.59 -6.79
N SER A 449 26.27 -11.85 -7.20
CA SER A 449 26.68 -12.95 -6.36
C SER A 449 27.82 -13.73 -6.98
N VAL A 450 28.87 -13.94 -6.21
CA VAL A 450 30.02 -14.66 -6.74
C VAL A 450 29.94 -16.15 -6.45
N SER A 451 29.79 -16.93 -7.52
CA SER A 451 29.82 -18.39 -7.42
C SER A 451 30.69 -18.99 -8.52
N LEU A 452 30.99 -20.28 -8.36
CA LEU A 452 31.66 -21.07 -9.37
C LEU A 452 30.64 -21.60 -10.40
N PRO A 453 31.05 -21.74 -11.67
CA PRO A 453 30.19 -22.22 -12.76
C PRO A 453 29.71 -23.66 -12.52
N ARG A 454 28.71 -24.11 -13.30
CA ARG A 454 28.15 -25.45 -13.12
C ARG A 454 27.52 -26.04 -14.40
N LYS A 461 38.35 -23.38 -18.70
CA LYS A 461 39.69 -23.23 -18.13
C LYS A 461 39.74 -23.68 -16.66
N ASP A 462 40.65 -23.07 -15.91
CA ASP A 462 40.78 -23.36 -14.47
C ASP A 462 40.89 -22.06 -13.67
N TYR A 463 40.31 -22.07 -12.46
CA TYR A 463 40.26 -20.90 -11.56
C TYR A 463 39.39 -19.74 -12.09
N VAL A 464 38.12 -20.04 -12.32
CA VAL A 464 37.17 -19.06 -12.83
C VAL A 464 35.99 -18.80 -11.89
N PHE A 465 35.67 -17.53 -11.63
CA PHE A 465 34.46 -17.21 -10.85
C PHE A 465 33.44 -16.48 -11.72
N LYS A 466 32.16 -16.58 -11.36
CA LYS A 466 31.11 -15.95 -12.14
C LYS A 466 30.30 -14.94 -11.35
N LEU A 467 29.83 -13.90 -12.04
CA LEU A 467 28.96 -12.91 -11.45
C LEU A 467 27.57 -13.13 -11.99
N GLN A 468 26.58 -13.16 -11.11
CA GLN A 468 25.22 -13.42 -11.52
C GLN A 468 24.31 -12.28 -11.11
N PHE A 469 23.44 -11.86 -12.01
CA PHE A 469 22.39 -10.88 -11.69
C PHE A 469 21.22 -10.96 -12.66
N LYS A 470 20.13 -11.58 -12.20
CA LYS A 470 18.96 -11.85 -13.05
C LYS A 470 19.35 -12.68 -14.27
N SER A 471 19.35 -12.05 -15.45
CA SER A 471 19.73 -12.74 -16.69
C SER A 471 21.20 -12.51 -17.10
N HIS A 472 21.87 -11.57 -16.43
CA HIS A 472 23.25 -11.20 -16.75
C HIS A 472 24.28 -12.09 -16.09
N VAL A 473 25.02 -12.84 -16.90
CA VAL A 473 26.07 -13.73 -16.40
C VAL A 473 27.42 -13.45 -17.04
N TYR A 474 28.41 -13.14 -16.19
CA TYR A 474 29.78 -12.87 -16.63
C TYR A 474 30.71 -13.91 -16.01
N PHE A 475 31.83 -14.19 -16.68
CA PHE A 475 32.81 -15.13 -16.14
C PHE A 475 34.20 -14.52 -16.16
N PHE A 476 34.96 -14.71 -15.07
CA PHE A 476 36.30 -14.14 -14.98
C PHE A 476 37.34 -15.18 -14.58
N ARG A 477 38.57 -15.05 -15.10
CA ARG A 477 39.65 -15.95 -14.72
C ARG A 477 40.83 -15.21 -14.12
N ALA A 478 41.38 -15.74 -13.03
CA ALA A 478 42.63 -15.22 -12.50
C ALA A 478 43.77 -16.16 -12.83
N GLU A 479 44.98 -15.62 -12.97
CA GLU A 479 46.17 -16.40 -13.28
C GLU A 479 46.44 -17.44 -12.19
N SER A 480 46.59 -16.98 -10.96
CA SER A 480 46.94 -17.85 -9.82
C SER A 480 45.72 -18.47 -9.11
N LYS A 481 45.94 -18.98 -7.90
CA LYS A 481 44.88 -19.61 -7.11
C LYS A 481 44.65 -18.86 -5.79
N TYR A 482 45.72 -18.29 -5.25
CA TYR A 482 45.60 -17.38 -4.12
C TYR A 482 44.83 -16.17 -4.58
N THR A 483 45.31 -15.60 -5.68
CA THR A 483 44.75 -14.37 -6.24
C THR A 483 43.34 -14.61 -6.75
N PHE A 484 42.96 -15.88 -6.84
CA PHE A 484 41.62 -16.29 -7.19
C PHE A 484 40.72 -16.19 -5.97
N GLU A 485 41.21 -16.69 -4.84
CA GLU A 485 40.45 -16.67 -3.58
C GLU A 485 40.35 -15.27 -3.01
N ARG A 486 41.15 -14.35 -3.54
CA ARG A 486 41.18 -12.97 -3.07
C ARG A 486 40.21 -12.08 -3.83
N TRP A 487 40.00 -12.37 -5.11
CA TRP A 487 39.11 -11.56 -5.93
C TRP A 487 37.66 -11.76 -5.57
N MET A 488 37.26 -13.02 -5.45
CA MET A 488 35.88 -13.34 -5.09
C MET A 488 35.65 -13.06 -3.60
N ASP A 489 36.73 -12.86 -2.87
CA ASP A 489 36.65 -12.47 -1.48
C ASP A 489 36.14 -11.04 -1.36
N VAL A 490 36.88 -10.09 -1.95
CA VAL A 490 36.52 -8.67 -1.88
C VAL A 490 35.17 -8.33 -2.50
N ILE A 491 34.77 -9.07 -3.53
CA ILE A 491 33.49 -8.80 -4.17
C ILE A 491 32.38 -9.21 -3.22
N LYS A 492 32.62 -10.28 -2.46
CA LYS A 492 31.68 -10.72 -1.42
C LYS A 492 31.58 -9.71 -0.28
N ARG A 493 32.71 -9.07 0.05
CA ARG A 493 32.75 -8.05 1.10
C ARG A 493 32.30 -6.65 0.67
N ALA A 494 31.77 -6.53 -0.55
CA ALA A 494 31.14 -5.29 -0.99
C ALA A 494 29.79 -5.65 -1.58
N SER A 495 29.03 -6.40 -0.78
CA SER A 495 27.75 -6.95 -1.19
C SER A 495 27.02 -7.45 0.06
N ASP B 6 -47.59 -32.38 6.79
CA ASP B 6 -48.81 -31.62 6.56
C ASP B 6 -48.50 -30.12 6.52
N GLU B 7 -48.03 -29.64 5.37
CA GLU B 7 -47.50 -28.28 5.27
C GLU B 7 -48.50 -27.25 4.71
N ALA B 8 -49.62 -27.72 4.18
CA ALA B 8 -50.58 -26.83 3.54
C ALA B 8 -51.24 -25.86 4.53
N TYR B 9 -51.50 -26.34 5.74
CA TYR B 9 -52.19 -25.54 6.76
C TYR B 9 -51.39 -24.32 7.25
N PHE B 10 -50.08 -24.48 7.38
CA PHE B 10 -49.21 -23.43 7.87
C PHE B 10 -49.24 -22.18 6.99
N ILE B 11 -49.32 -22.41 5.67
CA ILE B 11 -49.42 -21.34 4.68
C ILE B 11 -50.50 -20.35 5.02
N ALA B 12 -51.67 -20.89 5.36
CA ALA B 12 -52.80 -20.08 5.81
C ALA B 12 -52.36 -19.14 6.92
N LYS B 13 -51.79 -19.71 7.99
CA LYS B 13 -51.32 -18.91 9.11
C LYS B 13 -50.24 -17.92 8.65
N GLU B 14 -49.36 -18.35 7.76
CA GLU B 14 -48.35 -17.46 7.20
C GLU B 14 -49.01 -16.33 6.42
N ILE B 15 -50.05 -16.67 5.66
CA ILE B 15 -50.80 -15.66 4.94
C ILE B 15 -51.48 -14.70 5.91
N LEU B 16 -51.93 -15.25 7.03
CA LEU B 16 -52.56 -14.45 8.07
C LEU B 16 -51.54 -13.59 8.84
N ALA B 17 -50.47 -14.23 9.30
CA ALA B 17 -49.42 -13.59 10.08
C ALA B 17 -48.88 -12.33 9.40
N THR B 18 -48.60 -12.47 8.11
CA THR B 18 -48.04 -11.38 7.33
C THR B 18 -49.10 -10.34 6.98
N GLU B 19 -50.36 -10.76 6.86
CA GLU B 19 -51.45 -9.84 6.54
C GLU B 19 -51.77 -8.93 7.73
N ARG B 20 -51.47 -9.41 8.93
CA ARG B 20 -51.64 -8.62 10.14
C ARG B 20 -50.62 -7.48 10.18
N THR B 21 -49.35 -7.81 9.99
CA THR B 21 -48.30 -6.81 10.03
C THR B 21 -48.49 -5.78 8.92
N TYR B 22 -48.92 -6.26 7.77
CA TYR B 22 -49.17 -5.41 6.61
C TYR B 22 -50.26 -4.38 6.89
N LEU B 23 -51.17 -4.73 7.78
CA LEU B 23 -52.22 -3.80 8.18
C LEU B 23 -51.72 -2.75 9.16
N LYS B 24 -50.91 -3.18 10.12
CA LYS B 24 -50.33 -2.28 11.10
C LYS B 24 -49.42 -1.30 10.36
N ASP B 25 -48.95 -1.73 9.19
CA ASP B 25 -48.11 -0.90 8.35
C ASP B 25 -48.91 0.20 7.66
N LEU B 26 -50.04 -0.17 7.08
CA LEU B 26 -50.89 0.81 6.43
C LEU B 26 -51.27 1.91 7.42
N GLU B 27 -51.52 1.51 8.66
CA GLU B 27 -51.95 2.44 9.68
C GLU B 27 -50.86 3.39 10.16
N VAL B 28 -49.60 3.08 9.85
CA VAL B 28 -48.51 3.97 10.23
C VAL B 28 -48.66 5.30 9.47
N ILE B 29 -49.55 5.28 8.47
CA ILE B 29 -49.81 6.45 7.64
C ILE B 29 -51.25 6.96 7.73
N THR B 30 -52.21 6.13 7.35
CA THR B 30 -53.62 6.54 7.31
C THR B 30 -54.08 6.95 8.69
N VAL B 31 -53.51 6.30 9.69
CA VAL B 31 -53.87 6.54 11.08
C VAL B 31 -52.89 7.50 11.74
N TRP B 32 -51.65 7.06 11.90
CA TRP B 32 -50.65 7.86 12.62
C TRP B 32 -50.26 9.14 11.91
N PHE B 33 -49.69 9.00 10.71
CA PHE B 33 -49.21 10.14 9.93
C PHE B 33 -50.28 11.20 9.71
N ARG B 34 -51.51 10.76 9.43
CA ARG B 34 -52.61 11.68 9.13
C ARG B 34 -52.92 12.62 10.29
N SER B 35 -52.91 12.08 11.51
CA SER B 35 -53.26 12.88 12.67
C SER B 35 -52.19 13.94 12.98
N VAL B 36 -51.00 13.78 12.41
CA VAL B 36 -49.91 14.74 12.65
C VAL B 36 -50.04 15.99 11.78
N LEU B 37 -50.47 15.82 10.53
CA LEU B 37 -50.71 16.94 9.63
C LEU B 37 -51.95 17.74 10.02
N ILE B 38 -53.04 17.04 10.31
CA ILE B 38 -54.28 17.69 10.75
C ILE B 38 -54.14 18.23 12.17
N MET B 48 -51.94 17.59 0.51
CA MET B 48 -52.24 16.36 1.23
C MET B 48 -53.53 15.70 0.71
N ALA B 49 -54.14 16.32 -0.30
CA ALA B 49 -55.30 15.74 -0.95
C ALA B 49 -54.91 14.45 -1.67
N LEU B 50 -53.86 14.54 -2.50
CA LEU B 50 -53.39 13.39 -3.27
C LEU B 50 -52.63 12.35 -2.44
N LEU B 51 -52.41 12.64 -1.16
CA LEU B 51 -51.67 11.73 -0.28
C LEU B 51 -52.61 10.66 0.25
N PHE B 52 -53.81 11.08 0.65
CA PHE B 52 -54.76 10.15 1.26
C PHE B 52 -55.90 9.80 0.31
N SER B 53 -55.93 10.46 -0.84
CA SER B 53 -56.88 10.07 -1.86
C SER B 53 -56.49 8.69 -2.38
N ASN B 54 -55.20 8.39 -2.34
CA ASN B 54 -54.67 7.17 -2.95
C ASN B 54 -54.24 6.08 -1.97
N ILE B 55 -54.55 6.24 -0.70
CA ILE B 55 -54.20 5.23 0.30
C ILE B 55 -55.43 4.73 1.03
N ASP B 56 -56.29 5.68 1.40
CA ASP B 56 -57.50 5.43 2.18
C ASP B 56 -58.55 4.50 1.54
N PRO B 57 -58.75 4.57 0.21
CA PRO B 57 -59.70 3.61 -0.35
C PRO B 57 -59.15 2.18 -0.27
N VAL B 58 -57.84 2.07 -0.46
CA VAL B 58 -57.13 0.79 -0.41
C VAL B 58 -57.15 0.21 0.99
N TYR B 59 -57.01 1.10 1.97
CA TYR B 59 -57.04 0.78 3.39
C TYR B 59 -58.23 -0.10 3.76
N GLU B 60 -59.37 0.15 3.12
CA GLU B 60 -60.62 -0.53 3.46
C GLU B 60 -60.68 -1.97 2.95
N PHE B 61 -60.00 -2.26 1.84
CA PHE B 61 -60.08 -3.59 1.24
C PHE B 61 -59.36 -4.65 2.06
N HIS B 62 -58.30 -4.25 2.74
CA HIS B 62 -57.44 -5.21 3.42
C HIS B 62 -57.98 -5.55 4.81
N ARG B 63 -58.68 -4.58 5.42
CA ARG B 63 -59.26 -4.81 6.74
C ARG B 63 -60.33 -5.88 6.68
N GLY B 64 -60.96 -6.02 5.51
CA GLY B 64 -61.99 -7.01 5.32
C GLY B 64 -61.44 -8.35 4.86
N PHE B 65 -60.30 -8.33 4.19
CA PHE B 65 -59.68 -9.56 3.73
C PHE B 65 -59.03 -10.30 4.89
N LEU B 66 -58.52 -9.54 5.86
CA LEU B 66 -57.94 -10.16 7.04
C LEU B 66 -59.00 -10.82 7.91
N HIS B 67 -60.12 -10.13 8.12
CA HIS B 67 -61.21 -10.64 8.93
C HIS B 67 -61.83 -11.89 8.30
N GLU B 68 -61.92 -11.90 6.97
CA GLU B 68 -62.41 -13.08 6.26
C GLU B 68 -61.45 -14.24 6.44
N VAL B 69 -60.17 -13.93 6.51
CA VAL B 69 -59.13 -14.96 6.62
C VAL B 69 -59.02 -15.55 8.02
N GLU B 70 -58.91 -14.68 9.02
CA GLU B 70 -58.70 -15.12 10.39
C GLU B 70 -59.88 -15.93 10.89
N GLN B 71 -61.08 -15.58 10.44
CA GLN B 71 -62.29 -16.31 10.80
C GLN B 71 -62.23 -17.74 10.28
N ARG B 72 -61.66 -17.91 9.09
CA ARG B 72 -61.47 -19.25 8.53
C ARG B 72 -60.31 -19.95 9.20
N LEU B 73 -59.46 -19.16 9.85
CA LEU B 73 -58.37 -19.70 10.65
C LEU B 73 -58.78 -19.78 12.12
N ALA B 74 -59.87 -19.09 12.45
CA ALA B 74 -60.47 -19.19 13.78
C ALA B 74 -61.36 -20.42 13.83
N LEU B 75 -61.94 -20.78 12.68
CA LEU B 75 -62.87 -21.91 12.60
C LEU B 75 -62.14 -23.22 12.27
N TRP B 76 -61.07 -23.11 11.51
CA TRP B 76 -60.28 -24.25 11.10
C TRP B 76 -59.74 -25.00 12.31
N GLU B 77 -58.97 -24.28 13.13
CA GLU B 77 -58.36 -24.86 14.32
C GLU B 77 -59.33 -24.97 15.50
N GLY B 78 -60.54 -24.45 15.33
CA GLY B 78 -61.53 -24.45 16.40
C GLY B 78 -62.20 -25.79 16.58
N PRO B 79 -63.22 -25.83 17.43
CA PRO B 79 -63.97 -27.06 17.70
C PRO B 79 -64.72 -27.58 16.46
N SER B 80 -64.04 -27.59 15.32
CA SER B 80 -64.62 -28.05 14.07
C SER B 80 -64.81 -29.57 14.07
N ILE B 91 -59.85 -21.65 2.19
CA ILE B 91 -59.13 -20.39 2.07
C ILE B 91 -59.19 -19.83 0.63
N GLY B 92 -59.01 -20.71 -0.36
CA GLY B 92 -58.98 -20.32 -1.75
C GLY B 92 -60.30 -19.75 -2.24
N ASP B 93 -61.34 -19.95 -1.43
CA ASP B 93 -62.64 -19.38 -1.71
C ASP B 93 -62.61 -17.86 -1.58
N ILE B 94 -61.93 -17.38 -0.53
CA ILE B 94 -61.75 -15.95 -0.32
C ILE B 94 -60.65 -15.41 -1.22
N LEU B 95 -59.56 -16.16 -1.32
CA LEU B 95 -58.43 -15.77 -2.16
C LEU B 95 -58.90 -15.45 -3.57
N LEU B 96 -59.30 -16.49 -4.31
CA LEU B 96 -59.82 -16.34 -5.67
C LEU B 96 -60.84 -15.21 -5.75
N ARG B 97 -61.68 -15.11 -4.72
CA ARG B 97 -62.62 -14.01 -4.61
C ARG B 97 -61.94 -12.66 -4.39
N ASN B 98 -61.02 -12.60 -3.43
CA ASN B 98 -60.34 -11.35 -3.14
C ASN B 98 -59.24 -10.97 -4.14
N MET B 99 -58.94 -11.88 -5.07
CA MET B 99 -58.08 -11.56 -6.21
C MET B 99 -58.87 -10.74 -7.23
N ARG B 100 -60.17 -10.63 -7.02
CA ARG B 100 -61.01 -9.84 -7.90
C ARG B 100 -60.89 -8.35 -7.60
N GLN B 101 -61.31 -7.93 -6.39
CA GLN B 101 -61.37 -6.51 -6.02
C GLN B 101 -60.01 -5.81 -5.94
N LEU B 102 -58.94 -6.56 -6.12
CA LEU B 102 -57.61 -6.00 -6.24
C LEU B 102 -57.44 -5.39 -7.62
N LYS B 103 -58.17 -5.93 -8.59
CA LYS B 103 -58.14 -5.40 -9.95
C LYS B 103 -58.86 -4.06 -10.03
N GLU B 104 -59.51 -3.67 -8.94
CA GLU B 104 -60.27 -2.41 -8.90
C GLU B 104 -59.68 -1.36 -7.95
N PHE B 105 -58.37 -1.35 -7.84
CA PHE B 105 -57.65 -0.28 -7.15
C PHE B 105 -56.35 0.05 -7.90
N THR B 106 -56.22 -0.52 -9.09
CA THR B 106 -55.10 -0.27 -9.99
C THR B 106 -54.91 1.22 -10.27
N SER B 107 -55.99 1.99 -10.20
CA SER B 107 -55.97 3.44 -10.33
C SER B 107 -55.03 4.06 -9.27
N TYR B 108 -55.16 3.53 -8.04
CA TYR B 108 -54.40 4.01 -6.89
C TYR B 108 -52.91 3.65 -6.97
N PHE B 109 -52.62 2.37 -7.12
CA PHE B 109 -51.25 1.88 -7.27
C PHE B 109 -50.53 2.59 -8.41
N GLN B 110 -51.28 2.90 -9.46
CA GLN B 110 -50.76 3.66 -10.59
C GLN B 110 -50.21 5.01 -10.11
N ARG B 111 -50.90 5.62 -9.15
CA ARG B 111 -50.55 6.95 -8.66
C ARG B 111 -49.57 6.94 -7.48
N HIS B 112 -49.14 5.76 -7.05
CA HIS B 112 -48.24 5.63 -5.91
C HIS B 112 -46.83 6.12 -6.25
N ASP B 113 -46.47 5.99 -7.53
CA ASP B 113 -45.15 6.40 -8.04
C ASP B 113 -45.06 7.90 -8.26
N GLU B 114 -46.21 8.57 -8.17
CA GLU B 114 -46.28 10.02 -8.31
C GLU B 114 -46.16 10.66 -6.94
N VAL B 115 -46.80 10.03 -5.96
CA VAL B 115 -46.86 10.54 -4.60
C VAL B 115 -45.50 10.60 -3.93
N LEU B 116 -44.71 9.54 -4.11
CA LEU B 116 -43.38 9.46 -3.52
C LEU B 116 -42.46 10.59 -4.01
N THR B 117 -42.81 11.20 -5.14
CA THR B 117 -42.01 12.28 -5.71
C THR B 117 -42.57 13.65 -5.35
N GLU B 118 -43.73 13.67 -4.70
CA GLU B 118 -44.28 14.92 -4.22
C GLU B 118 -43.58 15.33 -2.93
N LEU B 119 -43.35 14.36 -2.05
CA LEU B 119 -42.68 14.59 -0.78
C LEU B 119 -41.27 15.13 -0.96
N GLU B 120 -40.66 14.86 -2.11
CA GLU B 120 -39.33 15.39 -2.42
C GLU B 120 -39.36 16.91 -2.53
N LYS B 121 -39.96 17.41 -3.61
CA LYS B 121 -40.03 18.86 -3.85
C LYS B 121 -40.93 19.61 -2.85
N ALA B 122 -41.65 18.88 -2.00
CA ALA B 122 -42.48 19.52 -0.98
C ALA B 122 -41.71 19.72 0.32
N THR B 123 -40.67 18.91 0.50
CA THR B 123 -39.79 19.03 1.67
C THR B 123 -38.59 19.91 1.31
N LYS B 124 -38.24 19.93 0.04
CA LYS B 124 -37.21 20.84 -0.46
C LYS B 124 -37.70 22.28 -0.42
N HIS B 125 -38.67 22.59 -1.27
CA HIS B 125 -39.23 23.94 -1.35
C HIS B 125 -39.88 24.40 -0.03
N CYS B 126 -40.70 23.56 0.59
CA CYS B 126 -41.27 23.89 1.90
C CYS B 126 -40.46 23.25 3.03
N LYS B 127 -39.81 24.08 3.83
CA LYS B 127 -38.97 23.60 4.92
C LYS B 127 -39.79 23.26 6.17
N LYS B 128 -41.08 23.56 6.13
CA LYS B 128 -41.97 23.37 7.28
C LYS B 128 -42.54 21.94 7.36
N LEU B 129 -42.84 21.36 6.21
CA LEU B 129 -43.28 19.98 6.13
C LEU B 129 -42.10 19.07 6.46
N GLU B 130 -40.89 19.61 6.36
CA GLU B 130 -39.67 18.90 6.70
C GLU B 130 -39.51 18.73 8.22
N ALA B 131 -39.90 19.74 8.99
CA ALA B 131 -39.85 19.66 10.45
C ALA B 131 -40.88 18.66 10.97
N VAL B 132 -41.98 18.51 10.23
CA VAL B 132 -42.98 17.49 10.49
C VAL B 132 -42.46 16.12 10.08
N TYR B 133 -41.96 16.04 8.85
CA TYR B 133 -41.37 14.82 8.31
C TYR B 133 -40.25 14.32 9.23
N LYS B 134 -39.16 15.09 9.28
CA LYS B 134 -37.93 14.72 9.99
C LYS B 134 -38.12 14.26 11.43
N GLU B 135 -39.15 14.78 12.09
CA GLU B 135 -39.44 14.38 13.47
C GLU B 135 -40.41 13.20 13.55
N PHE B 136 -41.31 13.07 12.58
CA PHE B 136 -42.21 11.92 12.55
C PHE B 136 -41.45 10.60 12.41
N GLU B 137 -40.29 10.66 11.77
CA GLU B 137 -39.44 9.48 11.63
C GLU B 137 -38.61 9.26 12.88
N LEU B 138 -38.89 10.07 13.90
CA LEU B 138 -38.34 9.85 15.24
C LEU B 138 -39.36 9.13 16.13
N GLN B 139 -40.62 9.13 15.70
CA GLN B 139 -41.67 8.39 16.41
C GLN B 139 -41.38 6.89 16.34
N LYS B 140 -42.13 6.10 17.09
CA LYS B 140 -41.82 4.67 17.23
C LYS B 140 -42.69 3.75 16.36
N VAL B 141 -43.92 4.17 16.05
CA VAL B 141 -44.78 3.36 15.19
C VAL B 141 -44.26 3.46 13.77
N CYS B 142 -43.58 4.57 13.49
CA CYS B 142 -42.88 4.76 12.24
C CYS B 142 -41.47 4.22 12.42
N TYR B 143 -41.35 2.89 12.46
CA TYR B 143 -40.04 2.26 12.64
C TYR B 143 -39.21 2.33 11.36
N LEU B 144 -39.78 1.85 10.26
CA LEU B 144 -39.13 1.88 8.95
C LEU B 144 -39.23 3.29 8.38
N PRO B 145 -38.39 3.60 7.36
CA PRO B 145 -38.51 4.90 6.70
C PRO B 145 -39.92 5.14 6.21
N LEU B 146 -40.35 6.40 6.25
CA LEU B 146 -41.70 6.76 5.89
C LEU B 146 -42.04 6.25 4.49
N ASN B 147 -41.19 6.56 3.53
CA ASN B 147 -41.33 6.10 2.14
C ASN B 147 -41.63 4.61 2.00
N THR B 148 -40.81 3.78 2.65
CA THR B 148 -40.85 2.33 2.48
C THR B 148 -42.24 1.76 2.72
N PHE B 149 -43.04 2.49 3.49
CA PHE B 149 -44.43 2.12 3.79
C PHE B 149 -45.36 2.37 2.62
N LEU B 150 -45.18 3.49 1.92
CA LEU B 150 -45.98 3.79 0.73
C LEU B 150 -45.61 2.86 -0.43
N LEU B 151 -44.65 1.99 -0.18
CA LEU B 151 -44.21 1.00 -1.14
C LEU B 151 -44.93 -0.32 -0.89
N LYS B 152 -45.13 -0.61 0.39
CA LYS B 152 -45.78 -1.82 0.89
C LYS B 152 -47.00 -2.31 0.11
N PRO B 153 -47.95 -1.41 -0.21
CA PRO B 153 -49.17 -1.81 -0.93
C PRO B 153 -48.96 -2.68 -2.17
N VAL B 154 -48.12 -2.23 -3.09
CA VAL B 154 -47.88 -3.01 -4.30
C VAL B 154 -47.09 -4.27 -3.99
N GLN B 155 -46.16 -4.16 -3.05
CA GLN B 155 -45.29 -5.28 -2.74
C GLN B 155 -46.10 -6.45 -2.23
N ARG B 156 -47.21 -6.16 -1.54
CA ARG B 156 -48.04 -7.22 -0.98
C ARG B 156 -48.69 -8.01 -2.10
N LEU B 157 -49.17 -7.30 -3.11
CA LEU B 157 -49.68 -7.95 -4.31
C LEU B 157 -48.71 -9.04 -4.75
N VAL B 158 -47.44 -8.67 -4.89
CA VAL B 158 -46.40 -9.63 -5.25
C VAL B 158 -46.34 -10.80 -4.28
N HIS B 159 -46.60 -10.55 -3.00
CA HIS B 159 -46.57 -11.61 -2.01
C HIS B 159 -47.69 -12.63 -2.21
N TYR B 160 -48.84 -12.17 -2.70
CA TYR B 160 -49.94 -13.08 -2.98
C TYR B 160 -49.53 -14.06 -4.06
N ARG B 161 -48.87 -13.58 -5.11
CA ARG B 161 -48.37 -14.45 -6.16
C ARG B 161 -47.13 -15.21 -5.69
N LEU B 162 -46.70 -14.94 -4.47
CA LEU B 162 -45.58 -15.66 -3.91
C LEU B 162 -46.10 -16.84 -3.10
N LEU B 163 -47.00 -16.56 -2.18
CA LEU B 163 -47.56 -17.60 -1.31
C LEU B 163 -48.41 -18.61 -2.10
N LEU B 164 -49.11 -18.14 -3.11
CA LEU B 164 -49.96 -19.00 -3.94
C LEU B 164 -49.15 -19.91 -4.86
N SER B 165 -48.01 -19.43 -5.36
CA SER B 165 -47.12 -20.25 -6.17
C SER B 165 -46.44 -21.35 -5.35
N ARG B 166 -46.57 -21.26 -4.04
CA ARG B 166 -46.01 -22.26 -3.13
C ARG B 166 -47.10 -23.21 -2.66
N LEU B 167 -48.33 -22.72 -2.65
CA LEU B 167 -49.48 -23.54 -2.27
C LEU B 167 -49.83 -24.50 -3.39
N CYS B 168 -49.78 -23.99 -4.62
CA CYS B 168 -50.09 -24.82 -5.78
C CYS B 168 -48.86 -25.61 -6.23
N ALA B 169 -48.30 -26.38 -5.29
CA ALA B 169 -47.16 -27.24 -5.55
C ALA B 169 -47.17 -28.49 -4.65
N HIS B 170 -47.03 -28.26 -3.34
CA HIS B 170 -47.00 -29.34 -2.36
C HIS B 170 -48.31 -29.49 -1.59
N GLY B 174 -56.15 -31.71 -7.35
CA GLY B 174 -57.56 -32.02 -7.50
C GLY B 174 -58.33 -31.89 -6.20
N HIS B 175 -58.19 -30.74 -5.55
CA HIS B 175 -58.81 -30.46 -4.27
C HIS B 175 -59.77 -29.27 -4.42
N ARG B 176 -60.70 -29.11 -3.49
CA ARG B 176 -61.69 -28.02 -3.52
C ARG B 176 -61.04 -26.65 -3.74
N ASP B 177 -59.93 -26.41 -3.05
CA ASP B 177 -59.17 -25.18 -3.25
C ASP B 177 -58.43 -25.18 -4.58
N TYR B 178 -57.96 -26.35 -5.01
CA TYR B 178 -57.18 -26.49 -6.24
C TYR B 178 -57.90 -25.90 -7.46
N ALA B 179 -59.23 -25.80 -7.37
CA ALA B 179 -60.02 -25.15 -8.41
C ALA B 179 -60.07 -23.64 -8.22
N ASP B 180 -60.13 -23.21 -6.96
CA ASP B 180 -60.14 -21.78 -6.61
C ASP B 180 -58.72 -21.17 -6.51
N CYS B 181 -57.79 -21.93 -5.96
CA CYS B 181 -56.42 -21.45 -5.79
C CYS B 181 -55.68 -21.29 -7.11
N HIS B 182 -55.80 -22.30 -7.98
CA HIS B 182 -55.18 -22.28 -9.29
C HIS B 182 -55.67 -21.08 -10.10
N GLU B 183 -56.96 -20.77 -9.99
CA GLU B 183 -57.51 -19.62 -10.69
C GLU B 183 -57.08 -18.31 -10.04
N ALA B 184 -56.79 -18.34 -8.73
CA ALA B 184 -56.26 -17.17 -8.04
C ALA B 184 -54.79 -16.87 -8.41
N LEU B 185 -54.01 -17.93 -8.61
CA LEU B 185 -52.59 -17.80 -8.95
C LEU B 185 -52.37 -17.17 -10.32
N LYS B 186 -53.03 -17.73 -11.34
CA LYS B 186 -52.95 -17.20 -12.69
C LYS B 186 -53.44 -15.76 -12.74
N ALA B 187 -54.47 -15.45 -11.94
CA ALA B 187 -55.02 -14.11 -11.85
C ALA B 187 -54.05 -13.12 -11.22
N ILE B 188 -53.54 -13.46 -10.04
CA ILE B 188 -52.63 -12.57 -9.31
C ILE B 188 -51.29 -12.41 -10.03
N THR B 189 -50.94 -13.36 -10.89
CA THR B 189 -49.69 -13.26 -11.64
C THR B 189 -49.85 -12.35 -12.85
N GLU B 190 -51.10 -12.18 -13.30
CA GLU B 190 -51.39 -11.24 -14.37
C GLU B 190 -51.29 -9.80 -13.86
N VAL B 191 -51.67 -9.60 -12.61
CA VAL B 191 -51.62 -8.28 -11.98
C VAL B 191 -50.17 -7.82 -11.64
N THR B 192 -49.41 -8.68 -10.97
CA THR B 192 -48.02 -8.38 -10.64
C THR B 192 -47.18 -8.25 -11.90
N THR B 193 -47.60 -8.94 -12.95
CA THR B 193 -46.95 -8.79 -14.26
C THR B 193 -47.27 -7.41 -14.82
N GLU B 194 -48.54 -7.04 -14.80
CA GLU B 194 -48.97 -5.72 -15.26
C GLU B 194 -48.29 -4.59 -14.48
N LEU B 195 -48.09 -4.80 -13.19
CA LEU B 195 -47.59 -3.73 -12.31
C LEU B 195 -46.11 -3.84 -11.98
N GLN B 196 -45.41 -4.76 -12.63
CA GLN B 196 -44.00 -5.00 -12.34
C GLN B 196 -43.15 -3.79 -12.65
N GLN B 197 -43.64 -2.93 -13.54
CA GLN B 197 -42.91 -1.73 -13.92
C GLN B 197 -42.93 -0.71 -12.80
N SER B 198 -44.13 -0.25 -12.45
CA SER B 198 -44.31 0.73 -11.38
C SER B 198 -43.55 0.32 -10.13
N LEU B 199 -43.63 -0.97 -9.77
CA LEU B 199 -42.97 -1.48 -8.58
C LEU B 199 -41.47 -1.26 -8.64
N THR B 200 -40.82 -1.99 -9.55
CA THR B 200 -39.39 -1.85 -9.81
C THR B 200 -38.97 -0.39 -9.92
N ARG B 201 -39.72 0.38 -10.69
CA ARG B 201 -39.47 1.80 -10.86
C ARG B 201 -39.54 2.54 -9.55
N LEU B 202 -40.41 2.06 -8.65
CA LEU B 202 -40.62 2.73 -7.37
C LEU B 202 -39.65 2.24 -6.32
N GLU B 203 -39.48 0.92 -6.27
CA GLU B 203 -38.49 0.27 -5.41
C GLU B 203 -37.15 0.97 -5.56
N ASN B 204 -36.84 1.35 -6.80
CA ASN B 204 -35.60 2.06 -7.09
C ASN B 204 -35.68 3.56 -6.77
N LEU B 205 -36.75 4.23 -7.20
CA LEU B 205 -36.95 5.64 -6.86
C LEU B 205 -36.92 5.90 -5.34
N GLN B 206 -37.24 4.88 -4.57
CA GLN B 206 -37.25 4.99 -3.11
C GLN B 206 -35.84 4.86 -2.53
N LYS B 207 -35.00 4.06 -3.17
CA LYS B 207 -33.64 3.83 -2.68
C LYS B 207 -32.76 5.06 -2.88
N LEU B 208 -33.00 5.75 -3.99
CA LEU B 208 -32.27 6.97 -4.32
C LEU B 208 -32.60 8.04 -3.29
N THR B 209 -33.88 8.32 -3.14
CA THR B 209 -34.32 9.41 -2.28
C THR B 209 -34.01 9.16 -0.81
N GLU B 210 -33.89 7.89 -0.42
CA GLU B 210 -33.42 7.56 0.92
C GLU B 210 -31.92 7.81 1.04
N LEU B 211 -31.22 7.67 -0.08
CA LEU B 211 -29.78 7.94 -0.13
C LEU B 211 -29.53 9.43 -0.20
N GLN B 212 -30.35 10.14 -0.97
CA GLN B 212 -30.30 11.59 -1.03
C GLN B 212 -30.36 12.21 0.36
N ARG B 213 -31.32 11.76 1.16
CA ARG B 213 -31.51 12.31 2.49
C ARG B 213 -30.32 11.96 3.37
N ASP B 214 -29.87 10.71 3.26
CA ASP B 214 -28.86 10.19 4.18
C ASP B 214 -27.46 10.74 3.94
N LEU B 215 -27.05 10.76 2.67
CA LEU B 215 -25.73 11.23 2.28
C LEU B 215 -25.58 12.74 2.39
N VAL B 216 -24.55 13.18 3.10
CA VAL B 216 -24.23 14.60 3.17
C VAL B 216 -23.47 15.07 1.93
N GLY B 217 -23.80 16.24 1.40
CA GLY B 217 -22.98 16.83 0.35
C GLY B 217 -23.42 16.68 -1.10
N VAL B 218 -23.93 15.51 -1.47
CA VAL B 218 -24.47 15.33 -2.82
C VAL B 218 -25.68 16.23 -3.04
N GLU B 219 -26.00 16.45 -4.32
CA GLU B 219 -27.19 17.19 -4.70
C GLU B 219 -27.66 16.67 -6.06
N ASN B 220 -28.91 16.92 -6.42
CA ASN B 220 -29.50 16.40 -7.65
C ASN B 220 -29.25 14.91 -7.95
N LEU B 221 -29.09 14.10 -6.89
CA LEU B 221 -28.85 12.67 -7.02
C LEU B 221 -30.00 11.88 -7.65
N ILE B 222 -31.21 12.42 -7.60
CA ILE B 222 -32.36 11.69 -8.12
C ILE B 222 -32.57 12.04 -9.58
N ALA B 223 -32.74 11.01 -10.41
CA ALA B 223 -32.83 11.20 -11.84
C ALA B 223 -33.65 10.09 -12.47
N PRO B 224 -34.28 10.37 -13.62
CA PRO B 224 -35.13 9.39 -14.28
C PRO B 224 -34.37 8.23 -14.91
N GLY B 225 -33.05 8.25 -14.89
CA GLY B 225 -32.31 7.17 -15.48
C GLY B 225 -31.39 6.46 -14.51
N ARG B 226 -31.15 7.09 -13.37
CA ARG B 226 -30.16 6.57 -12.43
C ARG B 226 -30.68 5.37 -11.63
N GLU B 227 -30.01 4.24 -11.75
CA GLU B 227 -30.34 3.03 -10.98
C GLU B 227 -29.31 2.73 -9.89
N PHE B 228 -29.80 2.36 -8.72
CA PHE B 228 -28.95 1.83 -7.66
C PHE B 228 -28.41 0.47 -8.12
N ILE B 229 -27.16 0.16 -7.79
CA ILE B 229 -26.64 -1.16 -8.10
C ILE B 229 -26.12 -1.77 -6.81
N ARG B 230 -25.43 -0.97 -6.00
CA ARG B 230 -24.78 -1.48 -4.80
C ARG B 230 -24.21 -0.37 -3.90
N GLU B 231 -24.48 -0.47 -2.60
CA GLU B 231 -23.90 0.39 -1.59
C GLU B 231 -23.03 -0.49 -0.72
N GLY B 232 -22.02 0.07 -0.09
CA GLY B 232 -21.20 -0.75 0.76
C GLY B 232 -19.89 -0.16 1.20
N CYS B 233 -19.25 -0.89 2.09
CA CYS B 233 -18.07 -0.41 2.78
C CYS B 233 -16.80 -1.08 2.24
N LEU B 234 -15.84 -0.24 1.86
CA LEU B 234 -14.56 -0.68 1.32
C LEU B 234 -13.43 0.18 1.86
N HIS B 235 -12.22 -0.39 1.88
CA HIS B 235 -11.04 0.33 2.37
C HIS B 235 -10.22 0.99 1.26
N LYS B 236 -10.26 2.32 1.21
CA LYS B 236 -9.51 3.08 0.22
C LYS B 236 -8.05 3.24 0.66
N LEU B 237 -7.13 2.94 -0.25
CA LEU B 237 -5.70 3.16 -0.01
C LEU B 237 -5.37 4.65 0.08
N THR B 238 -4.49 5.01 1.01
CA THR B 238 -4.10 6.40 1.23
C THR B 238 -2.62 6.42 1.57
N LYS B 239 -2.04 7.62 1.67
CA LYS B 239 -0.64 7.75 2.04
C LYS B 239 -0.43 7.33 3.49
N LYS B 240 -1.54 7.07 4.18
CA LYS B 240 -1.55 6.69 5.60
C LYS B 240 -1.92 5.22 5.75
N GLY B 241 -2.25 4.58 4.63
CA GLY B 241 -2.59 3.17 4.63
C GLY B 241 -4.03 2.93 4.26
N LEU B 242 -4.56 1.78 4.65
CA LEU B 242 -5.95 1.45 4.40
C LEU B 242 -6.90 2.24 5.33
N GLN B 243 -8.12 2.49 4.84
CA GLN B 243 -9.02 3.43 5.47
C GLN B 243 -10.45 3.12 5.07
N GLN B 244 -11.31 2.93 6.07
CA GLN B 244 -12.68 2.53 5.84
C GLN B 244 -13.42 3.64 5.12
N ARG B 245 -14.16 3.29 4.09
CA ARG B 245 -14.87 4.29 3.28
C ARG B 245 -16.16 3.71 2.74
N MET B 246 -17.16 4.56 2.54
CA MET B 246 -18.41 4.09 1.97
C MET B 246 -18.41 4.37 0.49
N PHE B 247 -18.82 3.38 -0.29
CA PHE B 247 -18.92 3.50 -1.73
C PHE B 247 -20.35 3.32 -2.18
N PHE B 248 -20.73 4.01 -3.26
CA PHE B 248 -22.09 3.93 -3.77
C PHE B 248 -22.15 3.82 -5.29
N LEU B 249 -22.15 2.59 -5.77
CA LEU B 249 -22.27 2.31 -7.20
C LEU B 249 -23.66 2.55 -7.79
N PHE B 250 -23.74 3.50 -8.71
CA PHE B 250 -24.95 3.72 -9.49
C PHE B 250 -24.77 3.26 -10.93
N SER B 251 -25.83 3.38 -11.73
CA SER B 251 -25.81 2.90 -13.11
C SER B 251 -24.97 3.79 -14.04
N ASP B 252 -24.65 4.99 -13.56
CA ASP B 252 -23.89 5.95 -14.35
C ASP B 252 -22.68 6.55 -13.61
N MET B 253 -22.45 6.14 -12.36
CA MET B 253 -21.30 6.67 -11.61
C MET B 253 -20.91 5.85 -10.38
N LEU B 254 -19.93 6.35 -9.65
CA LEU B 254 -19.48 5.70 -8.42
C LEU B 254 -19.07 6.75 -7.39
N LEU B 255 -19.94 7.00 -6.41
CA LEU B 255 -19.70 7.98 -5.35
C LEU B 255 -18.95 7.35 -4.21
N TYR B 256 -18.01 8.08 -3.66
CA TYR B 256 -17.30 7.56 -2.50
C TYR B 256 -17.30 8.58 -1.39
N THR B 257 -16.70 8.21 -0.28
CA THR B 257 -16.86 8.92 0.97
C THR B 257 -15.56 9.64 1.36
N SER B 258 -15.63 10.85 1.92
CA SER B 258 -14.39 11.50 2.38
C SER B 258 -13.82 10.95 3.71
N LYS B 259 -12.72 11.52 4.17
CA LYS B 259 -11.98 10.93 5.29
C LYS B 259 -12.70 11.17 6.60
N SER B 260 -12.68 10.17 7.49
CA SER B 260 -13.30 10.26 8.82
C SER B 260 -12.80 11.40 9.71
N VAL B 261 -13.62 12.42 9.92
CA VAL B 261 -13.27 13.55 10.81
C VAL B 261 -14.04 13.50 12.15
N THR B 262 -13.33 13.73 13.25
CA THR B 262 -13.91 13.58 14.59
C THR B 262 -14.97 14.64 14.95
N GLY B 263 -16.25 14.26 14.82
CA GLY B 263 -17.34 15.17 15.12
C GLY B 263 -18.19 15.50 13.90
N ALA B 264 -17.95 14.79 12.81
CA ALA B 264 -18.62 15.06 11.55
C ALA B 264 -19.05 13.76 10.95
N SER B 265 -19.93 13.82 9.95
CA SER B 265 -20.52 12.62 9.37
C SER B 265 -19.49 11.65 8.79
N HIS B 266 -19.92 10.41 8.55
CA HIS B 266 -19.12 9.42 7.85
C HIS B 266 -19.53 9.38 6.41
N PHE B 267 -20.77 9.80 6.15
CA PHE B 267 -21.38 9.69 4.85
C PHE B 267 -21.43 11.03 4.13
N ARG B 268 -20.36 11.81 4.31
CA ARG B 268 -20.08 12.97 3.47
C ARG B 268 -19.43 12.47 2.19
N ILE B 269 -19.95 12.90 1.05
CA ILE B 269 -19.51 12.40 -0.23
C ILE B 269 -18.33 13.18 -0.78
N ARG B 270 -17.18 12.52 -0.91
CA ARG B 270 -15.98 13.17 -1.44
C ARG B 270 -16.09 13.49 -2.93
N GLY B 271 -16.36 12.48 -3.75
CA GLY B 271 -16.51 12.71 -5.17
C GLY B 271 -17.12 11.52 -5.87
N PHE B 272 -17.38 11.66 -7.16
CA PHE B 272 -17.83 10.56 -8.00
C PHE B 272 -16.93 10.31 -9.22
N LEU B 273 -16.86 9.04 -9.62
CA LEU B 273 -16.12 8.62 -10.81
C LEU B 273 -17.10 8.11 -11.84
N PRO B 274 -17.32 8.88 -12.92
CA PRO B 274 -18.27 8.42 -13.95
C PRO B 274 -17.85 7.06 -14.50
N LEU B 275 -18.81 6.28 -15.02
CA LEU B 275 -18.49 4.95 -15.54
C LEU B 275 -17.94 4.98 -16.98
N ARG B 276 -17.83 6.19 -17.55
CA ARG B 276 -17.24 6.37 -18.88
C ARG B 276 -15.95 7.18 -18.83
N GLY B 277 -14.86 6.56 -19.25
CA GLY B 277 -14.85 5.13 -19.52
C GLY B 277 -13.81 4.62 -18.56
N MET B 278 -14.25 3.93 -17.51
CA MET B 278 -13.30 3.49 -16.50
C MET B 278 -12.85 2.05 -16.68
N LEU B 279 -11.80 1.71 -15.94
CA LEU B 279 -11.20 0.39 -15.97
C LEU B 279 -11.14 -0.17 -14.57
N VAL B 280 -11.44 -1.45 -14.42
CA VAL B 280 -11.35 -2.09 -13.12
C VAL B 280 -10.42 -3.28 -13.17
N GLU B 281 -9.21 -3.08 -12.66
CA GLU B 281 -8.17 -4.10 -12.68
C GLU B 281 -7.77 -4.58 -11.28
N GLU B 282 -7.73 -5.90 -11.12
CA GLU B 282 -7.37 -6.56 -9.86
C GLU B 282 -5.86 -6.65 -9.64
N SER B 283 -5.42 -6.38 -8.42
CA SER B 283 -4.01 -6.55 -8.04
C SER B 283 -3.61 -8.04 -8.02
N GLU B 284 -3.10 -8.52 -9.15
CA GLU B 284 -2.68 -9.90 -9.31
C GLU B 284 -1.25 -10.11 -8.78
N ASN B 285 -0.77 -9.13 -8.02
CA ASN B 285 0.56 -9.19 -7.42
C ASN B 285 0.53 -9.82 -6.03
N GLU B 286 1.39 -9.30 -5.14
CA GLU B 286 1.47 -9.80 -3.77
C GLU B 286 0.32 -9.26 -2.91
N TRP B 287 -0.69 -8.68 -3.55
CA TRP B 287 -1.85 -8.12 -2.88
C TRP B 287 -3.00 -9.11 -2.88
N SER B 288 -2.69 -10.36 -3.17
CA SER B 288 -3.67 -11.44 -3.21
C SER B 288 -4.30 -11.63 -1.83
N VAL B 289 -3.45 -11.65 -0.80
CA VAL B 289 -3.89 -11.79 0.58
C VAL B 289 -4.55 -10.52 1.09
N LEU B 290 -4.69 -9.52 0.23
CA LEU B 290 -5.35 -8.27 0.61
C LEU B 290 -6.71 -8.11 -0.06
N HIS B 291 -7.01 -8.99 -1.00
CA HIS B 291 -8.24 -8.91 -1.80
C HIS B 291 -8.50 -7.47 -2.19
N CYS B 292 -7.68 -6.94 -3.08
CA CYS B 292 -7.86 -5.55 -3.48
C CYS B 292 -7.64 -5.36 -4.97
N PHE B 293 -8.24 -4.30 -5.49
CA PHE B 293 -8.20 -4.00 -6.91
C PHE B 293 -8.07 -2.49 -7.12
N THR B 294 -7.97 -2.07 -8.38
CA THR B 294 -7.72 -0.67 -8.71
C THR B 294 -8.74 -0.16 -9.71
N ILE B 295 -9.32 0.99 -9.41
CA ILE B 295 -10.30 1.56 -10.31
C ILE B 295 -9.66 2.71 -11.05
N TYR B 296 -9.56 2.57 -12.38
CA TYR B 296 -8.95 3.59 -13.22
C TYR B 296 -10.05 4.43 -13.85
N ALA B 297 -10.29 5.61 -13.30
CA ALA B 297 -11.37 6.44 -13.81
C ALA B 297 -10.89 7.27 -14.97
N ALA B 298 -11.84 7.90 -15.64
CA ALA B 298 -11.59 8.87 -16.69
C ALA B 298 -10.39 9.75 -16.36
N GLN B 299 -10.23 10.11 -15.08
CA GLN B 299 -9.10 10.95 -14.69
C GLN B 299 -8.78 10.88 -13.20
N LYS B 300 -9.23 9.83 -12.52
CA LYS B 300 -8.82 9.57 -11.14
C LYS B 300 -8.49 8.11 -10.99
N THR B 301 -7.58 7.80 -10.07
CA THR B 301 -7.24 6.42 -9.80
C THR B 301 -7.37 6.15 -8.32
N ILE B 302 -8.24 5.21 -7.97
CA ILE B 302 -8.37 4.79 -6.58
C ILE B 302 -8.07 3.31 -6.44
N VAL B 303 -7.36 2.97 -5.38
CA VAL B 303 -7.06 1.58 -5.08
C VAL B 303 -7.87 1.24 -3.83
N VAL B 304 -8.70 0.22 -3.92
CA VAL B 304 -9.62 -0.07 -2.85
C VAL B 304 -9.47 -1.55 -2.42
N ALA B 305 -9.71 -1.85 -1.15
CA ALA B 305 -9.58 -3.21 -0.63
C ALA B 305 -10.85 -3.68 0.09
N ALA B 306 -11.20 -4.95 -0.09
CA ALA B 306 -12.38 -5.55 0.55
C ALA B 306 -12.00 -6.42 1.75
N SER B 307 -12.99 -7.10 2.34
CA SER B 307 -12.72 -7.89 3.53
C SER B 307 -12.62 -9.38 3.25
N THR B 308 -13.44 -9.89 2.34
CA THR B 308 -13.29 -11.26 1.88
C THR B 308 -12.86 -11.23 0.40
N ARG B 309 -12.52 -12.38 -0.17
CA ARG B 309 -12.24 -12.41 -1.61
C ARG B 309 -13.56 -12.27 -2.37
N LEU B 310 -14.62 -12.82 -1.78
CA LEU B 310 -15.94 -12.82 -2.40
C LEU B 310 -16.51 -11.40 -2.40
N GLU B 311 -16.14 -10.61 -1.38
CA GLU B 311 -16.51 -9.19 -1.29
C GLU B 311 -15.86 -8.40 -2.40
N LYS B 312 -14.68 -8.85 -2.82
CA LYS B 312 -13.94 -8.21 -3.90
C LYS B 312 -14.55 -8.59 -5.23
N GLU B 313 -14.82 -9.87 -5.42
CA GLU B 313 -15.44 -10.35 -6.65
C GLU B 313 -16.79 -9.68 -6.89
N LYS B 314 -17.59 -9.58 -5.82
CA LYS B 314 -18.92 -8.95 -5.89
C LYS B 314 -18.86 -7.51 -6.38
N TRP B 315 -17.78 -6.81 -6.05
CA TRP B 315 -17.62 -5.42 -6.46
C TRP B 315 -17.02 -5.29 -7.87
N MET B 316 -16.08 -6.15 -8.21
CA MET B 316 -15.47 -6.07 -9.53
C MET B 316 -16.49 -6.46 -10.57
N GLN B 317 -17.21 -7.54 -10.32
CA GLN B 317 -18.16 -8.09 -11.28
C GLN B 317 -19.36 -7.17 -11.48
N ASP B 318 -19.75 -6.44 -10.43
CA ASP B 318 -20.81 -5.45 -10.53
C ASP B 318 -20.35 -4.22 -11.31
N LEU B 319 -19.11 -3.79 -11.07
CA LEU B 319 -18.53 -2.66 -11.78
C LEU B 319 -18.36 -2.94 -13.28
N ASN B 320 -17.79 -4.10 -13.60
CA ASN B 320 -17.59 -4.50 -14.99
C ASN B 320 -18.89 -4.51 -15.78
N ALA B 321 -19.94 -5.09 -15.19
CA ALA B 321 -21.23 -5.14 -15.88
C ALA B 321 -21.98 -3.82 -15.80
N ALA B 322 -21.43 -2.88 -15.02
CA ALA B 322 -22.03 -1.56 -14.89
C ALA B 322 -21.38 -0.58 -15.85
N ILE B 323 -20.11 -0.81 -16.14
CA ILE B 323 -19.35 0.01 -17.07
C ILE B 323 -19.77 -0.32 -18.50
N GLN B 324 -19.79 -1.61 -18.80
CA GLN B 324 -19.99 -2.10 -20.16
C GLN B 324 -21.41 -1.93 -20.64
N ALA B 325 -22.34 -1.85 -19.70
CA ALA B 325 -23.71 -1.58 -20.04
C ALA B 325 -23.95 -0.08 -20.13
N ALA B 326 -23.07 0.71 -19.52
CA ALA B 326 -23.28 2.16 -19.44
C ALA B 326 -22.99 2.83 -20.79
N LYS B 327 -22.61 2.03 -21.78
CA LYS B 327 -22.23 2.54 -23.10
C LYS B 327 -23.25 2.15 -24.17
N PRO B 333 -30.92 17.32 -14.45
CA PRO B 333 -30.05 18.05 -13.53
C PRO B 333 -28.82 17.26 -13.13
N PRO B 334 -27.65 17.92 -13.14
CA PRO B 334 -26.37 17.29 -12.86
C PRO B 334 -26.05 17.19 -11.37
N VAL B 335 -25.50 16.05 -10.98
CA VAL B 335 -24.98 15.86 -9.64
C VAL B 335 -24.01 16.98 -9.26
N LEU B 336 -24.12 17.51 -8.04
CA LEU B 336 -23.22 18.56 -7.56
C LEU B 336 -22.55 18.16 -6.25
N LEU B 337 -21.56 18.92 -5.80
CA LEU B 337 -20.92 18.70 -4.50
C LEU B 337 -20.43 20.04 -3.92
N ASN B 376 -30.85 5.30 11.53
CA ASN B 376 -30.13 4.03 11.31
C ASN B 376 -30.92 2.94 10.56
N THR B 377 -30.48 2.64 9.34
CA THR B 377 -30.97 1.52 8.53
C THR B 377 -29.87 0.59 8.01
N THR B 378 -30.16 -0.02 6.86
CA THR B 378 -29.19 -0.86 6.13
C THR B 378 -27.88 -0.16 5.73
N MET B 379 -27.92 1.14 5.44
CA MET B 379 -26.67 1.82 5.07
C MET B 379 -25.70 1.89 6.23
N HIS B 380 -26.19 2.29 7.39
CA HIS B 380 -25.34 2.41 8.58
C HIS B 380 -24.83 1.03 9.06
N VAL B 381 -25.60 -0.02 8.81
CA VAL B 381 -25.16 -1.37 9.18
C VAL B 381 -23.88 -1.77 8.42
N CYS B 382 -23.84 -1.57 7.09
CA CYS B 382 -22.70 -1.97 6.27
C CYS B 382 -21.45 -1.28 6.78
N TRP B 383 -21.66 -0.08 7.28
CA TRP B 383 -20.58 0.71 7.83
C TRP B 383 -19.98 0.07 9.11
N TYR B 384 -20.84 -0.49 9.98
CA TYR B 384 -20.35 -1.11 11.22
C TYR B 384 -20.10 -2.62 11.13
N ARG B 385 -20.59 -3.23 10.07
CA ARG B 385 -20.48 -4.67 9.89
C ARG B 385 -19.53 -4.94 8.74
N ASN B 386 -19.00 -3.86 8.17
CA ASN B 386 -18.06 -3.89 7.05
C ASN B 386 -18.47 -4.83 5.93
N THR B 387 -19.52 -4.44 5.21
CA THR B 387 -20.07 -5.26 4.15
C THR B 387 -20.73 -4.40 3.09
N SER B 388 -21.33 -5.02 2.09
CA SER B 388 -22.00 -4.28 1.01
C SER B 388 -23.33 -4.93 0.63
N VAL B 389 -24.26 -4.11 0.14
CA VAL B 389 -25.59 -4.61 -0.21
C VAL B 389 -26.01 -4.22 -1.63
N SER B 390 -26.35 -5.23 -2.43
CA SER B 390 -26.78 -5.01 -3.81
C SER B 390 -28.28 -4.76 -3.96
N ARG B 391 -28.69 -4.32 -5.14
CA ARG B 391 -30.09 -4.22 -5.47
C ARG B 391 -30.73 -5.59 -5.48
N ALA B 392 -29.94 -6.60 -5.87
CA ALA B 392 -30.39 -7.99 -5.84
C ALA B 392 -30.73 -8.40 -4.43
N ASP B 393 -30.10 -7.74 -3.47
CA ASP B 393 -30.35 -8.01 -2.07
C ASP B 393 -31.63 -7.35 -1.57
N HIS B 394 -31.88 -6.12 -2.00
CA HIS B 394 -33.13 -5.45 -1.66
C HIS B 394 -34.33 -6.18 -2.25
N SER B 395 -34.27 -6.50 -3.54
CA SER B 395 -35.30 -7.32 -4.17
C SER B 395 -35.10 -8.78 -3.79
N ALA B 396 -34.95 -9.02 -2.49
CA ALA B 396 -34.83 -10.37 -1.95
C ALA B 396 -35.23 -10.31 -0.49
N ALA B 397 -35.05 -9.14 0.12
CA ALA B 397 -35.52 -8.86 1.47
C ALA B 397 -37.00 -8.45 1.47
N VAL B 398 -37.50 -8.16 0.28
CA VAL B 398 -38.92 -7.91 0.06
C VAL B 398 -39.63 -9.21 -0.27
N GLU B 399 -39.01 -10.03 -1.11
CA GLU B 399 -39.57 -11.35 -1.41
C GLU B 399 -39.35 -12.33 -0.25
N ASN B 400 -38.66 -11.87 0.79
CA ASN B 400 -38.50 -12.70 1.98
C ASN B 400 -38.94 -12.05 3.29
N GLN B 401 -39.79 -11.03 3.18
CA GLN B 401 -40.49 -10.47 4.34
C GLN B 401 -41.29 -11.59 4.99
N LEU B 402 -41.23 -11.68 6.31
CA LEU B 402 -41.89 -12.76 7.03
C LEU B 402 -42.24 -12.35 8.48
N SER B 403 -43.42 -12.75 8.94
CA SER B 403 -43.87 -12.49 10.31
C SER B 403 -44.42 -13.75 10.95
N GLY B 404 -44.34 -13.80 12.27
CA GLY B 404 -44.87 -14.94 12.98
C GLY B 404 -44.55 -14.87 14.46
N TYR B 405 -45.11 -15.80 15.20
CA TYR B 405 -44.77 -15.90 16.61
C TYR B 405 -43.55 -16.79 16.74
N LEU B 406 -42.73 -16.50 17.75
CA LEU B 406 -41.68 -17.43 18.15
C LEU B 406 -41.12 -17.04 19.51
N LEU B 407 -40.34 -17.94 20.11
CA LEU B 407 -39.75 -17.77 21.43
C LEU B 407 -38.29 -17.36 21.34
N ARG B 408 -37.81 -16.67 22.36
CA ARG B 408 -36.46 -16.11 22.32
C ARG B 408 -35.76 -16.18 23.68
N LYS B 409 -34.64 -16.89 23.72
CA LYS B 409 -33.84 -16.96 24.95
C LYS B 409 -32.44 -16.43 24.67
N PHE B 410 -32.18 -15.20 25.12
CA PHE B 410 -30.84 -14.63 25.03
C PHE B 410 -30.16 -14.70 26.40
N LYS B 411 -29.08 -13.94 26.58
CA LYS B 411 -28.35 -13.96 27.84
C LYS B 411 -29.02 -13.06 28.88
N ASN B 414 -33.31 -14.27 29.19
CA ASN B 414 -32.81 -15.29 30.12
C ASN B 414 -33.91 -16.28 30.49
N GLY B 415 -34.25 -17.15 29.53
CA GLY B 415 -35.41 -17.99 29.64
C GLY B 415 -36.36 -17.63 28.51
N TRP B 416 -37.04 -18.62 27.96
CA TRP B 416 -37.88 -18.40 26.78
C TRP B 416 -38.95 -17.33 26.97
N GLN B 417 -39.15 -16.51 25.95
CA GLN B 417 -40.22 -15.51 25.97
C GLN B 417 -40.88 -15.42 24.60
N LYS B 418 -42.11 -15.91 24.48
CA LYS B 418 -42.78 -15.83 23.20
C LYS B 418 -43.04 -14.39 22.81
N LEU B 419 -42.38 -13.95 21.74
CA LEU B 419 -42.70 -12.66 21.20
C LEU B 419 -43.01 -12.69 19.72
N TRP B 420 -43.68 -11.65 19.28
CA TRP B 420 -44.10 -11.48 17.91
C TRP B 420 -42.94 -10.89 17.14
N VAL B 421 -42.38 -11.68 16.24
CA VAL B 421 -41.23 -11.26 15.45
C VAL B 421 -41.58 -10.87 14.02
N VAL B 422 -41.13 -9.69 13.62
CA VAL B 422 -41.31 -9.22 12.24
C VAL B 422 -39.96 -9.12 11.53
N PHE B 423 -39.92 -9.57 10.29
CA PHE B 423 -38.69 -9.57 9.49
C PHE B 423 -38.87 -8.88 8.14
N THR B 424 -38.58 -7.60 8.09
CA THR B 424 -38.47 -6.91 6.82
C THR B 424 -37.16 -6.14 6.85
N ASN B 425 -36.66 -5.75 5.68
CA ASN B 425 -35.59 -4.75 5.60
C ASN B 425 -34.33 -5.12 6.38
N PHE B 426 -33.91 -6.39 6.29
CA PHE B 426 -32.65 -6.86 6.88
C PHE B 426 -32.61 -6.91 8.41
N CYS B 427 -33.67 -6.42 9.06
CA CYS B 427 -33.74 -6.34 10.53
C CYS B 427 -34.88 -7.18 11.10
N LEU B 428 -34.69 -7.68 12.32
CA LEU B 428 -35.72 -8.41 13.05
C LEU B 428 -36.37 -7.49 14.09
N PHE B 429 -37.66 -7.20 13.92
CA PHE B 429 -38.38 -6.36 14.88
C PHE B 429 -39.13 -7.16 15.93
N PHE B 430 -39.06 -6.73 17.17
CA PHE B 430 -39.65 -7.48 18.27
C PHE B 430 -40.91 -6.84 18.88
N TYR B 431 -41.99 -7.62 18.94
CA TYR B 431 -43.23 -7.15 19.54
C TYR B 431 -43.63 -8.17 20.62
N LYS B 432 -44.26 -7.72 21.69
CA LYS B 432 -44.73 -8.65 22.72
C LYS B 432 -45.99 -9.33 22.24
N THR B 433 -46.72 -8.64 21.37
CA THR B 433 -48.02 -9.08 20.91
C THR B 433 -48.19 -8.68 19.46
N HIS B 434 -48.88 -9.51 18.68
CA HIS B 434 -49.09 -9.20 17.26
C HIS B 434 -50.02 -8.01 17.07
N GLN B 435 -50.41 -7.39 18.18
CA GLN B 435 -51.34 -6.27 18.17
C GLN B 435 -50.72 -4.98 18.74
N ASP B 436 -49.43 -5.00 19.04
CA ASP B 436 -48.72 -3.77 19.42
C ASP B 436 -48.63 -2.86 18.21
N ASP B 437 -48.24 -1.61 18.45
CA ASP B 437 -48.09 -0.63 17.37
C ASP B 437 -46.62 -0.35 17.06
N TYR B 438 -45.85 -0.08 18.11
CA TYR B 438 -44.41 0.05 17.97
C TYR B 438 -43.73 -1.16 18.61
N PRO B 439 -42.53 -1.51 18.14
CA PRO B 439 -41.83 -2.69 18.63
C PRO B 439 -40.93 -2.37 19.81
N LEU B 440 -40.55 -3.42 20.55
CA LEU B 440 -39.72 -3.27 21.73
C LEU B 440 -38.26 -3.00 21.34
N ALA B 441 -37.67 -3.93 20.59
CA ALA B 441 -36.28 -3.79 20.15
C ALA B 441 -36.12 -4.32 18.72
N SER B 442 -34.95 -4.10 18.13
CA SER B 442 -34.68 -4.54 16.76
C SER B 442 -33.26 -5.05 16.57
N LEU B 443 -33.13 -6.16 15.86
CA LEU B 443 -31.83 -6.77 15.61
C LEU B 443 -31.52 -6.85 14.11
N PRO B 444 -30.68 -5.93 13.60
CA PRO B 444 -30.24 -5.97 12.19
C PRO B 444 -29.41 -7.22 11.94
N LEU B 445 -29.52 -7.80 10.75
CA LEU B 445 -29.00 -9.15 10.54
C LEU B 445 -27.82 -9.34 9.58
N LEU B 446 -27.30 -8.24 9.01
CA LEU B 446 -26.24 -8.32 8.02
C LEU B 446 -24.97 -8.96 8.56
N GLY B 447 -24.70 -10.19 8.14
CA GLY B 447 -23.51 -10.89 8.57
C GLY B 447 -23.75 -11.93 9.64
N TYR B 448 -24.99 -12.01 10.13
CA TYR B 448 -25.36 -13.02 11.11
C TYR B 448 -25.35 -14.40 10.49
N SER B 449 -25.09 -15.43 11.29
CA SER B 449 -24.97 -16.79 10.78
C SER B 449 -25.96 -17.75 11.46
N VAL B 450 -26.56 -18.63 10.67
CA VAL B 450 -27.60 -19.56 11.12
C VAL B 450 -27.05 -20.94 11.54
N SER B 451 -27.17 -21.28 12.81
CA SER B 451 -26.65 -22.56 13.31
C SER B 451 -27.77 -23.52 13.71
N LEU B 452 -27.39 -24.68 14.24
CA LEU B 452 -28.33 -25.69 14.70
C LEU B 452 -28.01 -26.19 16.10
N ASP B 457 -31.34 -25.37 27.01
CA ASP B 457 -32.55 -25.81 26.34
C ASP B 457 -32.26 -26.92 25.32
N SER B 458 -32.56 -28.16 25.70
CA SER B 458 -32.38 -29.29 24.82
C SER B 458 -33.67 -30.10 24.72
N ILE B 459 -34.61 -29.79 25.60
CA ILE B 459 -35.94 -30.40 25.53
C ILE B 459 -36.72 -29.77 24.40
N HIS B 460 -36.60 -28.45 24.27
CA HIS B 460 -37.24 -27.72 23.20
C HIS B 460 -36.38 -27.76 21.94
N LYS B 461 -35.47 -28.73 21.89
CA LYS B 461 -34.60 -28.94 20.73
C LYS B 461 -35.45 -29.15 19.48
N ASP B 462 -36.69 -29.59 19.69
CA ASP B 462 -37.68 -29.58 18.65
C ASP B 462 -37.82 -28.15 18.12
N TYR B 463 -37.20 -27.89 16.97
CA TYR B 463 -37.36 -26.65 16.22
C TYR B 463 -36.71 -25.43 16.86
N VAL B 464 -35.38 -25.47 17.00
CA VAL B 464 -34.62 -24.34 17.52
C VAL B 464 -33.50 -23.92 16.57
N PHE B 465 -33.26 -22.63 16.44
CA PHE B 465 -32.06 -22.16 15.76
C PHE B 465 -31.23 -21.13 16.53
N LYS B 466 -29.97 -20.97 16.11
CA LYS B 466 -29.05 -20.06 16.78
C LYS B 466 -28.45 -19.05 15.79
N LEU B 467 -28.66 -17.77 16.06
CA LEU B 467 -28.04 -16.71 15.27
C LEU B 467 -26.71 -16.30 15.91
N GLN B 468 -25.60 -16.57 15.22
CA GLN B 468 -24.31 -16.10 15.71
C GLN B 468 -23.83 -14.87 14.92
N PHE B 469 -23.38 -13.85 15.64
CA PHE B 469 -22.58 -12.77 15.06
C PHE B 469 -21.70 -12.10 16.10
N LYS B 470 -20.39 -12.16 15.89
CA LYS B 470 -19.41 -11.59 16.81
C LYS B 470 -19.60 -12.11 18.23
N SER B 471 -19.72 -11.20 19.20
CA SER B 471 -19.87 -11.57 20.60
C SER B 471 -21.34 -11.75 20.97
N HIS B 472 -22.21 -11.64 19.98
CA HIS B 472 -23.65 -11.70 20.22
C HIS B 472 -24.27 -13.01 19.72
N VAL B 473 -25.15 -13.59 20.53
CA VAL B 473 -25.85 -14.82 20.19
C VAL B 473 -27.31 -14.79 20.63
N TYR B 474 -28.23 -15.13 19.72
CA TYR B 474 -29.65 -15.18 20.05
C TYR B 474 -30.24 -16.52 19.65
N PHE B 475 -31.04 -17.09 20.54
CA PHE B 475 -31.64 -18.40 20.32
C PHE B 475 -33.13 -18.31 20.09
N PHE B 476 -33.60 -18.90 18.99
CA PHE B 476 -35.00 -18.82 18.62
C PHE B 476 -35.65 -20.19 18.45
N ARG B 477 -36.94 -20.26 18.76
CA ARG B 477 -37.67 -21.52 18.74
C ARG B 477 -39.00 -21.30 18.03
N ALA B 478 -39.28 -22.11 17.01
CA ALA B 478 -40.52 -21.96 16.25
C ALA B 478 -41.59 -23.00 16.62
N GLU B 479 -42.77 -22.84 16.02
CA GLU B 479 -43.90 -23.73 16.29
C GLU B 479 -43.60 -25.18 15.90
N SER B 480 -43.69 -25.48 14.60
CA SER B 480 -43.47 -26.85 14.12
C SER B 480 -42.29 -26.95 13.15
N LYS B 481 -42.09 -28.16 12.62
CA LYS B 481 -40.93 -28.46 11.78
C LYS B 481 -40.89 -27.63 10.51
N TYR B 482 -42.07 -27.43 9.91
CA TYR B 482 -42.18 -26.64 8.69
C TYR B 482 -42.06 -25.14 8.98
N THR B 483 -42.53 -24.72 10.15
CA THR B 483 -42.41 -23.32 10.57
C THR B 483 -40.94 -23.01 10.85
N PHE B 484 -40.26 -23.99 11.44
CA PHE B 484 -38.84 -23.89 11.78
C PHE B 484 -37.98 -23.78 10.53
N GLU B 485 -38.13 -24.74 9.61
CA GLU B 485 -37.34 -24.77 8.38
C GLU B 485 -37.67 -23.61 7.43
N ARG B 486 -38.67 -22.82 7.82
CA ARG B 486 -39.10 -21.65 7.06
C ARG B 486 -38.47 -20.37 7.60
N TRP B 487 -38.32 -20.30 8.92
CA TRP B 487 -37.68 -19.13 9.57
C TRP B 487 -36.19 -19.07 9.28
N MET B 488 -35.57 -20.21 9.08
CA MET B 488 -34.14 -20.25 8.77
C MET B 488 -33.93 -20.03 7.29
N ASP B 489 -34.96 -20.34 6.51
CA ASP B 489 -34.88 -20.19 5.08
C ASP B 489 -34.81 -18.72 4.65
N VAL B 490 -35.63 -17.86 5.23
CA VAL B 490 -35.60 -16.44 4.89
C VAL B 490 -34.35 -15.71 5.39
N ILE B 491 -33.73 -16.20 6.47
CA ILE B 491 -32.52 -15.57 7.01
C ILE B 491 -31.28 -15.96 6.18
N LYS B 492 -31.26 -17.23 5.76
CA LYS B 492 -30.21 -17.74 4.88
C LYS B 492 -30.13 -16.89 3.61
N ARG B 493 -31.26 -16.26 3.27
CA ARG B 493 -31.32 -15.32 2.16
C ARG B 493 -31.18 -13.87 2.66
N ALA B 494 -30.20 -13.66 3.54
CA ALA B 494 -29.87 -12.34 4.06
C ALA B 494 -28.42 -12.26 4.53
#